data_7WDT
#
_entry.id   7WDT
#
_cell.length_a   78.131
_cell.length_b   57.879
_cell.length_c   98.530
_cell.angle_alpha   90.000
_cell.angle_beta   98.590
_cell.angle_gamma   90.000
#
_symmetry.space_group_name_H-M   'P 1 21 1'
#
loop_
_entity.id
_entity.type
_entity.pdbx_description
1 polymer Beta-N-acetylhexosaminidase
2 non-polymer 2-acetamido-2-deoxy-6-O-sulfo-beta-D-glucopyranose
3 non-polymer 2-acetamido-2-deoxy-6-O-sulfo-alpha-D-glucopyranose
4 non-polymer 'CALCIUM ION'
5 water water
#
_entity_poly.entity_id   1
_entity_poly.type   'polypeptide(L)'
_entity_poly.pdbx_seq_one_letter_code
;MAAESSTSTVSNLATMATVTASGREVSSGFGPELAADNQDLPDNPTDKSVHNASGASRWSADRGSGPWWLAYEFPGEATI
SSVNIAWGNTYATNYSIQTSDDGSNWTDVKTGLKATAQAQWVKTTFDTPIKTRHIRMIATTKSQSWSLSVWEMRTMGTIS
AVATDPLSRLTPRPLYAQSADGEAFELKKNTCVSVSDGSLLPAVDVMRDELGTSYGLKLAEGTNCPITFTLDENLDVTGH
VGSAQSITADEAYTIVSDADSVTVKARSATAGIWAAQTLLQLIGPWTNSTVKLADVAFIPAVNIADAPRYQWRGVLVDPA
RSFYPLDEMKQMIDVMSAYKMNTLHLHLSEDEGFRVEITNDGRADGDTTDYTQLAIKSGAISYQSAWTSNWSPAQDGRTG
YWTQSEFIELVAYAADHGIAIVPEIDGPGHSFSLLHGLAELNTGNSNPKPAAGEDTPAFIQSAQGRSSLATDADITYTVL
GHIMDQLDGMIDKGIKASTMPASELKRMYFHLGGDELFLSGGAGNKTERLQEYLGRSGALVKERDKTTIVWNDGLDAVDQ
IPEGSVVQHWTGNAANNASIQKLLNQRNGKIIMSPAGNTYFPQRPGTETTGVTWACGACTTSNFYQWNPTSSAGTTEDKV
LGVEDALWSEHLRSLNDAEFLMYTRMMATAEVGWTQQNRKDYDNWNKRVGDIAIDLMNRGANFHKATEVTSWKGSYAAVD
AAEQKVTDGKVLVGRYAEPGLTGTDGLSFTATYTAEGGTAVNLPVTPDMKQTYSQQQLKNGRLVVNGAHMNSIVDVYVTL
PSDVLAADSEAVGRLDVSVSSSTYHHHHHH
;
_entity_poly.pdbx_strand_id   A
#
loop_
_chem_comp.id
_chem_comp.type
_chem_comp.name
_chem_comp.formula
CA non-polymer 'CALCIUM ION' 'Ca 2'
NGS D-saccharide, beta linking 2-acetamido-2-deoxy-6-O-sulfo-beta-D-glucopyranose 'C8 H15 N O9 S'
NGY D-saccharide, alpha linking 2-acetamido-2-deoxy-6-O-sulfo-alpha-D-glucopyranose 'C8 H15 N O9 S'
#
# COMPACT_ATOMS: atom_id res chain seq x y z
N THR A 9 -2.25 34.71 22.91
CA THR A 9 -1.83 34.50 24.33
C THR A 9 -1.29 33.09 24.48
N VAL A 10 -0.03 32.96 24.83
CA VAL A 10 0.57 31.60 24.98
C VAL A 10 0.82 31.36 26.46
N SER A 11 0.99 30.10 26.83
CA SER A 11 1.40 29.75 28.20
C SER A 11 2.42 28.63 28.18
N ASN A 12 3.05 28.44 29.32
CA ASN A 12 3.95 27.27 29.50
C ASN A 12 3.11 26.01 29.67
N LEU A 13 2.98 25.23 28.60
CA LEU A 13 2.15 24.01 28.64
C LEU A 13 2.87 22.88 29.37
N ALA A 14 4.14 23.04 29.79
CA ALA A 14 4.84 22.00 30.55
C ALA A 14 3.96 21.51 31.70
N THR A 15 3.19 22.41 32.32
CA THR A 15 2.51 22.08 33.60
C THR A 15 1.33 21.14 33.36
N MET A 16 0.93 20.92 32.11
CA MET A 16 -0.19 19.96 31.85
C MET A 16 0.37 18.71 31.18
N ALA A 17 1.68 18.66 30.97
CA ALA A 17 2.30 17.57 30.19
C ALA A 17 2.50 16.33 31.05
N THR A 18 2.41 15.15 30.42
CA THR A 18 2.98 13.90 30.97
C THR A 18 4.45 13.83 30.58
N VAL A 19 5.32 13.78 31.58
CA VAL A 19 6.78 13.99 31.38
C VAL A 19 7.47 12.63 31.44
N THR A 20 8.24 12.32 30.41
CA THR A 20 9.13 11.13 30.41
C THR A 20 10.55 11.56 30.10
N ALA A 21 11.51 10.72 30.42
CA ALA A 21 12.92 11.00 30.17
C ALA A 21 13.66 9.70 29.87
N SER A 22 14.83 9.85 29.26
CA SER A 22 15.83 8.78 29.05
C SER A 22 16.15 8.14 30.42
N GLY A 23 16.01 8.86 31.51
CA GLY A 23 16.42 8.34 32.82
C GLY A 23 16.64 9.48 33.80
N ARG A 24 17.08 9.15 35.00
CA ARG A 24 17.26 10.14 36.08
C ARG A 24 18.44 9.71 36.93
N GLU A 25 19.11 10.66 37.56
CA GLU A 25 20.31 10.40 38.38
C GLU A 25 19.94 9.56 39.60
N VAL A 26 18.86 9.90 40.30
CA VAL A 26 18.52 9.30 41.62
C VAL A 26 17.02 9.13 41.64
N SER A 27 16.51 8.08 42.28
CA SER A 27 15.06 7.77 42.26
C SER A 27 14.26 8.77 43.11
N SER A 28 14.94 9.53 43.97
CA SER A 28 14.33 10.23 45.14
C SER A 28 14.08 11.73 44.89
N GLY A 29 14.84 12.37 44.00
CA GLY A 29 14.63 13.79 43.66
C GLY A 29 15.17 14.08 42.28
N PHE A 30 15.24 15.36 41.89
CA PHE A 30 15.72 15.77 40.54
C PHE A 30 15.02 14.98 39.43
N GLY A 31 13.72 14.72 39.61
CA GLY A 31 12.88 14.00 38.64
C GLY A 31 12.65 14.83 37.37
N PRO A 32 12.37 14.17 36.21
CA PRO A 32 12.11 14.91 34.99
C PRO A 32 10.94 15.87 35.10
N GLU A 33 9.94 15.57 35.95
CA GLU A 33 8.75 16.43 36.15
C GLU A 33 9.21 17.80 36.70
N LEU A 34 10.41 17.90 37.28
CA LEU A 34 10.88 19.19 37.87
C LEU A 34 11.37 20.15 36.77
N ALA A 35 11.46 19.71 35.50
CA ALA A 35 11.66 20.65 34.38
C ALA A 35 10.33 21.28 33.98
N ALA A 36 9.20 20.69 34.41
CA ALA A 36 7.85 21.01 33.91
C ALA A 36 7.04 21.76 34.96
N ASP A 37 7.65 22.27 36.05
CA ASP A 37 6.87 22.83 37.19
C ASP A 37 6.77 24.36 37.08
N ASN A 38 7.24 24.95 35.97
CA ASN A 38 7.07 26.40 35.71
C ASN A 38 7.59 27.22 36.92
N GLN A 39 8.74 26.85 37.47
CA GLN A 39 9.41 27.64 38.56
C GLN A 39 10.57 28.44 37.97
N ASP A 40 10.63 29.73 38.28
CA ASP A 40 11.83 30.52 37.96
C ASP A 40 13.03 29.90 38.67
N LEU A 41 14.22 30.13 38.15
CA LEU A 41 15.45 29.65 38.81
C LEU A 41 15.51 30.20 40.23
N PRO A 42 16.08 29.44 41.18
CA PRO A 42 16.28 29.97 42.53
C PRO A 42 17.39 31.04 42.49
N ASP A 43 17.54 31.78 43.58
CA ASP A 43 18.70 32.70 43.71
C ASP A 43 20.00 31.88 43.65
N ASN A 44 21.04 32.45 43.05
CA ASN A 44 22.41 31.87 43.06
C ASN A 44 22.34 30.45 42.49
N PRO A 45 21.76 30.28 41.29
CA PRO A 45 21.46 28.94 40.78
C PRO A 45 22.69 28.07 40.46
N THR A 46 23.85 28.66 40.28
CA THR A 46 25.10 27.90 39.98
C THR A 46 25.79 27.46 41.27
N ASP A 47 25.40 27.99 42.43
CA ASP A 47 26.02 27.56 43.70
C ASP A 47 25.67 26.09 43.93
N LYS A 48 26.62 25.27 44.37
CA LYS A 48 26.39 23.82 44.60
C LYS A 48 25.35 23.58 45.69
N SER A 49 25.33 24.41 46.73
CA SER A 49 24.32 24.29 47.82
C SER A 49 22.91 24.59 47.29
N VAL A 50 22.79 25.29 46.15
CA VAL A 50 21.48 25.61 45.55
C VAL A 50 21.19 24.56 44.46
N HIS A 51 22.08 24.39 43.51
CA HIS A 51 21.93 23.39 42.41
C HIS A 51 21.73 21.99 43.00
N ASN A 52 22.44 21.65 44.08
CA ASN A 52 22.38 20.28 44.68
C ASN A 52 21.59 20.23 46.01
N ALA A 53 20.78 21.21 46.36
CA ALA A 53 19.80 21.08 47.47
C ALA A 53 18.83 19.98 47.07
N SER A 54 18.48 19.08 47.99
CA SER A 54 17.84 17.79 47.59
C SER A 54 16.52 18.08 46.85
N GLY A 55 15.79 19.15 47.24
CA GLY A 55 14.51 19.53 46.61
C GLY A 55 14.65 20.53 45.46
N ALA A 56 15.84 20.73 44.89
CA ALA A 56 16.06 21.68 43.77
C ALA A 56 15.09 21.31 42.64
N SER A 57 14.49 22.33 42.01
CA SER A 57 13.42 22.20 41.01
C SER A 57 14.04 21.90 39.65
N ARG A 58 14.78 20.80 39.52
CA ARG A 58 15.46 20.51 38.23
C ARG A 58 15.47 19.01 37.98
N TRP A 59 15.48 18.65 36.70
CA TRP A 59 15.81 17.29 36.25
C TRP A 59 17.31 17.08 36.31
N SER A 60 17.74 16.01 36.96
CA SER A 60 19.10 15.44 36.83
C SER A 60 19.00 14.12 36.03
N ALA A 61 19.66 14.06 34.89
CA ALA A 61 19.47 12.97 33.90
C ALA A 61 20.16 11.71 34.39
N ASP A 62 19.91 10.60 33.69
CA ASP A 62 20.81 9.43 33.75
C ASP A 62 22.21 9.84 33.29
N ARG A 63 23.19 9.03 33.64
CA ARG A 63 24.58 9.17 33.13
C ARG A 63 24.74 8.26 31.92
N GLY A 64 25.87 7.56 31.81
CA GLY A 64 26.11 6.70 30.64
C GLY A 64 26.45 7.58 29.46
N SER A 65 26.40 7.01 28.26
CA SER A 65 26.92 7.65 27.03
C SER A 65 25.85 8.54 26.39
N GLY A 66 24.58 8.42 26.78
CA GLY A 66 23.48 9.18 26.16
C GLY A 66 23.12 8.55 24.81
N PRO A 67 22.30 9.19 23.95
CA PRO A 67 21.74 10.51 24.23
C PRO A 67 20.85 10.56 25.46
N TRP A 68 20.65 11.80 25.96
CA TRP A 68 19.76 12.08 27.12
C TRP A 68 18.60 12.89 26.58
N TRP A 69 17.38 12.51 26.94
CA TRP A 69 16.20 13.23 26.39
C TRP A 69 15.12 13.40 27.45
N LEU A 70 14.30 14.43 27.24
CA LEU A 70 13.19 14.85 28.12
C LEU A 70 12.00 15.13 27.21
N ALA A 71 10.93 14.36 27.41
CA ALA A 71 9.77 14.36 26.48
C ALA A 71 8.53 14.78 27.23
N TYR A 72 7.71 15.57 26.57
CA TYR A 72 6.37 16.00 27.02
C TYR A 72 5.31 15.44 26.09
N GLU A 73 4.32 14.80 26.71
CA GLU A 73 3.09 14.36 26.06
C GLU A 73 2.01 15.35 26.52
N PHE A 74 1.42 16.06 25.58
CA PHE A 74 0.32 17.01 25.90
C PHE A 74 -1.02 16.29 25.87
N PRO A 75 -1.97 16.69 26.74
CA PRO A 75 -3.33 16.16 26.71
C PRO A 75 -4.16 16.78 25.57
N GLY A 76 -3.76 16.60 24.32
CA GLY A 76 -4.30 17.39 23.23
C GLY A 76 -3.25 17.68 22.18
N GLU A 77 -3.60 18.45 21.17
CA GLU A 77 -2.65 18.99 20.18
C GLU A 77 -2.18 20.35 20.70
N ALA A 78 -0.89 20.46 21.02
CA ALA A 78 -0.26 21.75 21.37
C ALA A 78 0.16 22.49 20.12
N THR A 79 -0.08 23.80 20.08
CA THR A 79 0.47 24.67 19.04
C THR A 79 1.60 25.47 19.70
N ILE A 80 2.85 25.11 19.39
CA ILE A 80 4.04 25.57 20.17
C ILE A 80 4.76 26.67 19.40
N SER A 81 4.94 27.82 20.06
CA SER A 81 5.58 29.02 19.48
C SER A 81 7.08 29.02 19.78
N SER A 82 7.44 28.51 20.95
CA SER A 82 8.84 28.54 21.39
C SER A 82 9.05 27.53 22.52
N VAL A 83 10.31 27.11 22.65
CA VAL A 83 10.81 26.27 23.76
C VAL A 83 11.97 27.02 24.40
N ASN A 84 11.86 27.29 25.68
CA ASN A 84 12.88 28.03 26.45
C ASN A 84 13.37 27.07 27.54
N ILE A 85 14.60 26.64 27.44
CA ILE A 85 15.24 25.65 28.36
C ILE A 85 16.21 26.37 29.23
N ALA A 86 16.04 26.24 30.54
CA ALA A 86 16.99 26.76 31.53
C ALA A 86 17.91 25.60 31.92
N TRP A 87 19.12 25.64 31.39
CA TRP A 87 20.17 24.61 31.59
C TRP A 87 20.81 24.82 32.97
N GLY A 88 21.15 23.74 33.64
CA GLY A 88 21.77 23.77 34.98
C GLY A 88 23.29 23.83 34.91
N ASN A 89 23.96 23.17 35.86
CA ASN A 89 25.44 23.26 36.05
C ASN A 89 26.17 22.34 35.06
N THR A 90 25.44 21.38 34.51
CA THR A 90 25.90 20.57 33.37
C THR A 90 24.91 20.82 32.24
N TYR A 91 25.37 21.41 31.15
CA TYR A 91 24.46 21.84 30.06
C TYR A 91 24.75 21.07 28.78
N ALA A 92 23.79 21.03 27.86
CA ALA A 92 23.94 20.33 26.56
C ALA A 92 24.74 21.21 25.62
N THR A 93 25.91 20.75 25.20
CA THR A 93 26.75 21.45 24.19
C THR A 93 26.24 21.11 22.79
N ASN A 94 25.49 20.04 22.64
CA ASN A 94 24.75 19.79 21.38
C ASN A 94 23.41 19.15 21.67
N TYR A 95 22.32 19.72 21.12
CA TYR A 95 20.98 19.13 21.23
C TYR A 95 20.07 19.52 20.08
N SER A 96 18.91 18.85 20.09
CA SER A 96 17.84 19.02 19.12
C SER A 96 16.49 19.09 19.85
N ILE A 97 15.51 19.60 19.14
CA ILE A 97 14.10 19.50 19.55
C ILE A 97 13.38 18.72 18.46
N GLN A 98 12.58 17.77 18.90
CA GLN A 98 11.87 16.87 17.97
C GLN A 98 10.40 16.81 18.36
N THR A 99 9.55 16.46 17.41
CA THR A 99 8.10 16.31 17.65
C THR A 99 7.68 14.87 17.32
N SER A 100 6.54 14.47 17.85
CA SER A 100 6.01 13.12 17.62
C SER A 100 4.48 13.20 17.64
N ASP A 101 3.83 12.51 16.72
CA ASP A 101 2.36 12.34 16.77
C ASP A 101 2.04 11.16 17.68
N ASP A 102 2.89 10.14 17.73
CA ASP A 102 2.50 8.83 18.30
C ASP A 102 3.19 8.59 19.64
N GLY A 103 4.17 9.43 20.00
CA GLY A 103 4.93 9.24 21.25
C GLY A 103 6.14 8.33 21.12
N SER A 104 6.35 7.69 19.96
CA SER A 104 7.49 6.76 19.71
C SER A 104 8.39 7.22 18.55
N ASN A 105 7.80 7.81 17.51
CA ASN A 105 8.55 8.23 16.30
C ASN A 105 8.79 9.73 16.37
N TRP A 106 10.05 10.13 16.30
CA TRP A 106 10.45 11.54 16.50
C TRP A 106 11.00 12.13 15.22
N THR A 107 10.61 13.36 14.96
CA THR A 107 11.06 14.15 13.79
C THR A 107 11.74 15.43 14.29
N ASP A 108 12.92 15.70 13.75
CA ASP A 108 13.69 16.93 13.98
C ASP A 108 12.84 18.15 13.60
N VAL A 109 12.77 19.10 14.48
CA VAL A 109 12.17 20.42 14.10
C VAL A 109 13.21 21.51 14.31
N LYS A 110 14.16 21.35 15.22
CA LYS A 110 15.27 22.32 15.33
C LYS A 110 16.53 21.54 15.69
N THR A 111 17.61 21.75 14.94
CA THR A 111 18.84 20.97 15.12
C THR A 111 19.99 21.97 15.33
N GLY A 112 21.14 21.48 15.75
CA GLY A 112 22.34 22.32 15.88
C GLY A 112 22.21 23.26 17.06
N LEU A 113 21.44 22.87 18.09
CA LEU A 113 21.26 23.74 19.28
C LEU A 113 22.39 23.48 20.27
N LYS A 114 22.69 24.51 21.07
CA LYS A 114 23.84 24.51 22.00
C LYS A 114 23.52 25.40 23.20
N ALA A 115 23.79 24.94 24.39
CA ALA A 115 23.96 25.89 25.52
C ALA A 115 25.45 26.19 25.63
N THR A 116 25.79 27.29 26.26
CA THR A 116 27.16 27.81 26.32
C THR A 116 27.54 28.22 27.73
N ALA A 117 26.67 28.08 28.71
CA ALA A 117 27.00 28.46 30.08
C ALA A 117 26.03 27.79 31.05
N GLN A 118 26.45 27.68 32.31
CA GLN A 118 25.57 27.23 33.40
C GLN A 118 24.42 28.21 33.63
N ALA A 119 23.28 27.69 34.13
CA ALA A 119 22.09 28.46 34.57
C ALA A 119 21.65 29.41 33.46
N GLN A 120 21.70 28.92 32.23
CA GLN A 120 21.46 29.68 31.00
C GLN A 120 20.14 29.29 30.35
N TRP A 121 19.30 30.27 30.05
CA TRP A 121 18.10 30.10 29.21
C TRP A 121 18.53 30.10 27.74
N VAL A 122 18.15 29.06 27.04
CA VAL A 122 18.27 28.98 25.57
C VAL A 122 16.88 28.89 24.98
N LYS A 123 16.49 29.93 24.24
CA LYS A 123 15.16 30.04 23.63
C LYS A 123 15.22 29.61 22.18
N THR A 124 14.41 28.63 21.82
CA THR A 124 14.29 28.19 20.40
C THR A 124 12.89 28.61 19.93
N THR A 125 12.84 29.45 18.90
CA THR A 125 11.58 30.04 18.40
C THR A 125 11.19 29.35 17.10
N PHE A 126 9.91 28.97 16.99
CA PHE A 126 9.28 28.49 15.73
C PHE A 126 8.51 29.68 15.12
N ASP A 127 9.08 30.28 14.08
CA ASP A 127 8.47 31.46 13.40
C ASP A 127 7.08 31.08 12.88
N THR A 128 6.92 29.84 12.41
CA THR A 128 5.58 29.21 12.22
C THR A 128 5.35 28.24 13.38
N PRO A 129 4.39 28.53 14.28
CA PRO A 129 4.12 27.61 15.38
C PRO A 129 3.79 26.21 14.89
N ILE A 130 4.27 25.21 15.63
CA ILE A 130 4.12 23.78 15.24
C ILE A 130 3.03 23.13 16.09
N LYS A 131 2.21 22.31 15.45
CA LYS A 131 1.10 21.58 16.10
C LYS A 131 1.54 20.13 16.34
N THR A 132 1.54 19.70 17.59
CA THR A 132 2.08 18.38 17.97
C THR A 132 1.51 17.94 19.31
N ARG A 133 1.33 16.63 19.44
CA ARG A 133 0.91 16.00 20.70
C ARG A 133 2.12 15.76 21.61
N HIS A 134 3.32 15.67 21.05
CA HIS A 134 4.53 15.35 21.83
C HIS A 134 5.67 16.23 21.35
N ILE A 135 6.54 16.56 22.27
CA ILE A 135 7.81 17.27 21.97
C ILE A 135 8.88 16.79 22.92
N ARG A 136 10.10 16.78 22.43
CA ARG A 136 11.23 16.38 23.30
C ARG A 136 12.49 17.16 22.92
N MET A 137 13.29 17.38 23.95
CA MET A 137 14.71 17.74 23.86
C MET A 137 15.53 16.45 23.90
N ILE A 138 16.42 16.27 22.91
CA ILE A 138 17.41 15.16 22.92
C ILE A 138 18.79 15.77 22.75
N ALA A 139 19.68 15.46 23.68
CA ALA A 139 21.06 16.00 23.75
C ALA A 139 22.09 14.88 23.53
N THR A 140 23.09 15.14 22.69
CA THR A 140 24.13 14.11 22.33
C THR A 140 25.42 14.36 23.12
N THR A 141 25.69 15.59 23.53
CA THR A 141 26.95 15.95 24.24
C THR A 141 26.63 16.95 25.34
N LYS A 142 27.42 16.95 26.38
CA LYS A 142 27.18 17.84 27.55
C LYS A 142 28.51 18.40 28.07
N SER A 143 28.42 19.37 28.97
CA SER A 143 29.59 20.21 29.38
C SER A 143 30.48 19.53 30.43
N GLN A 144 29.99 18.54 31.16
CA GLN A 144 30.78 17.80 32.18
C GLN A 144 30.35 16.34 32.16
N SER A 145 31.08 15.48 32.85
CA SER A 145 30.70 14.04 33.03
C SER A 145 29.48 13.88 33.95
N TRP A 146 29.18 14.91 34.74
CA TRP A 146 28.00 14.88 35.65
C TRP A 146 26.73 14.70 34.81
N SER A 147 25.65 14.28 35.44
CA SER A 147 24.27 14.22 34.90
C SER A 147 23.90 15.57 34.29
N LEU A 148 23.44 15.55 33.04
CA LEU A 148 22.76 16.70 32.39
C LEU A 148 21.73 17.27 33.39
N SER A 149 21.62 18.59 33.41
CA SER A 149 20.81 19.34 34.41
C SER A 149 19.86 20.27 33.66
N VAL A 150 18.56 20.14 33.90
CA VAL A 150 17.55 21.03 33.28
C VAL A 150 16.66 21.60 34.37
N TRP A 151 16.74 22.91 34.63
CA TRP A 151 15.84 23.53 35.61
C TRP A 151 14.43 23.59 35.03
N GLU A 152 14.33 23.96 33.76
CA GLU A 152 13.04 24.28 33.14
C GLU A 152 13.10 23.87 31.68
N MET A 153 12.06 23.21 31.17
CA MET A 153 11.81 23.23 29.74
C MET A 153 10.42 23.79 29.58
N ARG A 154 10.36 25.06 29.16
CA ARG A 154 9.06 25.74 28.96
C ARG A 154 8.68 25.65 27.49
N THR A 155 7.51 25.08 27.24
CA THR A 155 6.97 24.86 25.88
C THR A 155 5.78 25.78 25.74
N MET A 156 6.02 26.92 25.10
CA MET A 156 5.11 28.06 25.08
C MET A 156 4.12 27.89 23.92
N GLY A 157 2.81 27.90 24.24
CA GLY A 157 1.82 27.88 23.17
C GLY A 157 0.41 27.74 23.71
N THR A 158 -0.43 27.14 22.87
CA THR A 158 -1.86 26.91 23.18
C THR A 158 -2.15 25.45 23.00
N ILE A 159 -3.23 25.01 23.60
CA ILE A 159 -3.57 23.56 23.52
C ILE A 159 -5.04 23.41 23.15
N SER A 160 -5.31 22.43 22.29
CA SER A 160 -6.68 22.01 21.88
C SER A 160 -6.93 20.60 22.41
N ALA A 161 -7.89 20.43 23.32
CA ALA A 161 -8.15 19.17 24.04
C ALA A 161 -8.82 18.16 23.10
N VAL A 162 -8.18 17.86 21.99
CA VAL A 162 -8.75 16.86 21.03
C VAL A 162 -8.09 15.51 21.31
N ALA A 163 -8.89 14.44 21.45
CA ALA A 163 -8.34 13.09 21.71
C ALA A 163 -7.67 12.54 20.43
N THR A 164 -6.76 11.58 20.58
CA THR A 164 -6.18 10.81 19.45
C THR A 164 -7.35 10.29 18.62
N ASP A 165 -7.17 10.20 17.30
CA ASP A 165 -8.20 9.74 16.34
C ASP A 165 -7.92 8.27 16.08
N PRO A 166 -8.72 7.34 16.64
CA PRO A 166 -8.48 5.92 16.46
C PRO A 166 -8.69 5.47 15.01
N LEU A 167 -9.25 6.33 14.15
CA LEU A 167 -9.52 6.01 12.72
C LEU A 167 -8.45 6.61 11.82
N SER A 168 -7.33 7.09 12.36
CA SER A 168 -6.39 7.91 11.56
C SER A 168 -5.68 7.03 10.53
N ARG A 169 -5.67 5.72 10.67
CA ARG A 169 -4.85 4.87 9.76
C ARG A 169 -5.58 4.63 8.47
N LEU A 170 -6.90 4.85 8.41
CA LEU A 170 -7.71 4.31 7.32
C LEU A 170 -7.32 4.89 5.96
N THR A 171 -7.10 3.99 5.01
CA THR A 171 -6.82 4.34 3.61
C THR A 171 -7.48 3.31 2.72
N PRO A 172 -8.33 3.69 1.73
CA PRO A 172 -8.77 5.07 1.50
C PRO A 172 -9.54 5.73 2.66
N ARG A 173 -9.49 7.04 2.68
CA ARG A 173 -10.24 7.83 3.69
C ARG A 173 -11.72 7.62 3.44
N PRO A 174 -12.44 7.09 4.44
CA PRO A 174 -13.86 6.77 4.29
C PRO A 174 -14.75 8.02 4.14
N LEU A 175 -15.96 7.78 3.68
CA LEU A 175 -17.00 8.81 3.45
C LEU A 175 -17.31 9.46 4.80
N TYR A 176 -17.48 8.64 5.83
CA TYR A 176 -17.85 9.09 7.20
C TYR A 176 -17.25 8.15 8.22
N ALA A 177 -16.59 8.72 9.21
CA ALA A 177 -15.95 7.94 10.28
C ALA A 177 -15.78 8.83 11.51
N GLN A 178 -16.33 8.36 12.62
CA GLN A 178 -16.18 9.05 13.91
C GLN A 178 -16.02 8.00 15.01
N SER A 179 -15.22 8.34 16.00
CA SER A 179 -15.05 7.57 17.26
C SER A 179 -16.42 7.40 17.95
N ALA A 180 -16.68 6.24 18.55
CA ALA A 180 -17.91 5.94 19.33
C ALA A 180 -17.53 5.83 20.80
N ASP A 181 -18.51 5.66 21.69
CA ASP A 181 -18.31 5.72 23.16
C ASP A 181 -17.60 4.43 23.60
N GLY A 182 -16.65 4.54 24.54
CA GLY A 182 -16.27 3.42 25.43
C GLY A 182 -15.01 2.68 24.96
N GLU A 183 -14.77 1.49 25.50
CA GLU A 183 -13.50 0.76 25.30
C GLU A 183 -13.58 0.09 23.92
N ALA A 184 -12.42 -0.35 23.45
CA ALA A 184 -12.29 -1.14 22.19
C ALA A 184 -12.85 -2.54 22.39
N PHE A 185 -13.26 -3.19 21.31
CA PHE A 185 -13.59 -4.62 21.31
C PHE A 185 -12.30 -5.41 21.33
N GLU A 186 -12.14 -6.26 22.34
CA GLU A 186 -10.95 -7.14 22.47
C GLU A 186 -11.22 -8.45 21.71
N LEU A 187 -10.40 -8.76 20.72
CA LEU A 187 -10.51 -10.03 19.97
C LEU A 187 -9.89 -11.16 20.80
N LYS A 188 -10.61 -12.25 20.96
CA LYS A 188 -10.12 -13.45 21.68
C LYS A 188 -9.97 -14.61 20.71
N LYS A 189 -9.18 -15.60 21.10
CA LYS A 189 -8.88 -16.77 20.26
C LYS A 189 -10.17 -17.38 19.72
N ASN A 190 -11.22 -17.45 20.55
CA ASN A 190 -12.47 -18.16 20.16
C ASN A 190 -13.57 -17.16 19.82
N THR A 191 -13.24 -15.87 19.67
CA THR A 191 -14.24 -14.91 19.16
C THR A 191 -14.78 -15.47 17.85
N CYS A 192 -16.09 -15.63 17.74
CA CYS A 192 -16.73 -16.14 16.49
C CYS A 192 -17.34 -14.98 15.70
N VAL A 193 -17.70 -15.26 14.46
CA VAL A 193 -18.36 -14.27 13.56
C VAL A 193 -19.63 -14.91 13.02
N SER A 194 -20.72 -14.15 13.03
CA SER A 194 -21.98 -14.56 12.38
C SER A 194 -22.13 -13.80 11.08
N VAL A 195 -22.61 -14.49 10.06
CA VAL A 195 -22.96 -13.86 8.78
C VAL A 195 -24.43 -14.12 8.49
N SER A 196 -25.09 -13.22 7.76
CA SER A 196 -26.52 -13.34 7.33
C SER A 196 -26.60 -14.22 6.08
N ASP A 197 -25.47 -14.48 5.42
CA ASP A 197 -25.45 -15.08 4.07
C ASP A 197 -24.06 -15.68 3.85
N GLY A 198 -24.00 -16.84 3.18
CA GLY A 198 -22.77 -17.58 2.80
C GLY A 198 -21.81 -16.72 1.97
N SER A 199 -22.34 -15.78 1.18
CA SER A 199 -21.52 -14.91 0.30
C SER A 199 -20.64 -13.94 1.11
N LEU A 200 -20.87 -13.82 2.43
CA LEU A 200 -20.04 -12.99 3.34
C LEU A 200 -18.91 -13.80 3.98
N LEU A 201 -18.91 -15.12 3.80
CA LEU A 201 -17.83 -15.92 4.42
C LEU A 201 -16.48 -15.52 3.83
N PRO A 202 -16.33 -15.19 2.53
CA PRO A 202 -15.05 -14.70 2.01
C PRO A 202 -14.49 -13.48 2.76
N ALA A 203 -15.35 -12.57 3.23
CA ALA A 203 -14.94 -11.40 4.04
C ALA A 203 -14.33 -11.86 5.37
N VAL A 204 -14.97 -12.84 6.01
CA VAL A 204 -14.43 -13.38 7.28
C VAL A 204 -13.12 -14.10 6.96
N ASP A 205 -13.06 -14.81 5.82
CA ASP A 205 -11.85 -15.57 5.46
C ASP A 205 -10.69 -14.57 5.34
N VAL A 206 -10.93 -13.40 4.77
CA VAL A 206 -9.83 -12.41 4.61
C VAL A 206 -9.28 -12.05 6.01
N MET A 207 -10.16 -11.84 6.96
CA MET A 207 -9.75 -11.53 8.34
C MET A 207 -8.97 -12.69 8.96
N ARG A 208 -9.48 -13.89 8.86
CA ARG A 208 -8.85 -15.08 9.48
C ARG A 208 -7.48 -15.34 8.84
N ASP A 209 -7.36 -15.15 7.51
CA ASP A 209 -6.08 -15.35 6.75
C ASP A 209 -4.97 -14.51 7.40
N GLU A 210 -5.24 -13.30 7.88
CA GLU A 210 -4.22 -12.49 8.59
C GLU A 210 -4.19 -12.87 10.06
N LEU A 211 -5.35 -12.79 10.73
CA LEU A 211 -5.38 -12.72 12.19
C LEU A 211 -5.10 -14.10 12.81
N GLY A 212 -5.32 -15.18 12.08
CA GLY A 212 -5.02 -16.53 12.59
C GLY A 212 -3.57 -16.68 12.94
N THR A 213 -2.68 -16.12 12.10
CA THR A 213 -1.22 -16.18 12.30
C THR A 213 -0.78 -15.11 13.29
N SER A 214 -1.12 -13.85 13.06
CA SER A 214 -0.61 -12.72 13.87
C SER A 214 -1.13 -12.74 15.31
N TYR A 215 -2.39 -13.11 15.55
CA TYR A 215 -2.99 -13.03 16.90
C TYR A 215 -3.61 -14.37 17.33
N GLY A 216 -3.47 -15.42 16.52
CA GLY A 216 -3.92 -16.77 16.90
C GLY A 216 -5.43 -16.85 16.96
N LEU A 217 -6.13 -16.06 16.15
CA LEU A 217 -7.61 -16.02 16.19
C LEU A 217 -8.15 -17.11 15.28
N LYS A 218 -9.10 -17.88 15.79
CA LYS A 218 -9.85 -18.87 14.97
C LYS A 218 -10.86 -18.15 14.08
N LEU A 219 -11.50 -17.09 14.59
CA LEU A 219 -12.60 -16.38 13.90
C LEU A 219 -13.50 -17.39 13.19
N ALA A 220 -13.96 -18.42 13.89
CA ALA A 220 -14.88 -19.43 13.30
C ALA A 220 -16.25 -18.80 13.04
N GLU A 221 -16.89 -19.14 11.91
CA GLU A 221 -18.33 -18.87 11.70
C GLU A 221 -19.05 -19.51 12.88
N GLY A 222 -19.92 -18.76 13.57
CA GLY A 222 -20.78 -19.27 14.65
C GLY A 222 -22.17 -18.67 14.55
N THR A 223 -22.97 -18.92 15.57
CA THR A 223 -24.36 -18.41 15.69
C THR A 223 -24.36 -17.41 16.85
N ASN A 224 -25.02 -16.26 16.70
CA ASN A 224 -25.22 -15.24 17.75
C ASN A 224 -23.86 -14.71 18.23
N CYS A 225 -22.93 -14.54 17.30
CA CYS A 225 -21.56 -14.09 17.63
C CYS A 225 -21.53 -12.59 17.90
N PRO A 226 -20.52 -12.08 18.63
CA PRO A 226 -20.43 -10.65 18.92
C PRO A 226 -19.97 -9.78 17.74
N ILE A 227 -19.43 -10.45 16.71
CA ILE A 227 -19.09 -9.82 15.42
C ILE A 227 -20.06 -10.40 14.40
N THR A 228 -20.81 -9.55 13.74
CA THR A 228 -21.79 -9.93 12.70
C THR A 228 -21.55 -9.14 11.42
N PHE A 229 -21.73 -9.82 10.31
CA PHE A 229 -21.84 -9.25 8.95
C PHE A 229 -23.23 -9.55 8.41
N THR A 230 -23.91 -8.51 7.97
CA THR A 230 -25.28 -8.61 7.43
C THR A 230 -25.31 -8.02 6.03
N LEU A 231 -25.75 -8.82 5.07
CA LEU A 231 -25.94 -8.38 3.68
C LEU A 231 -27.28 -7.63 3.65
N ASP A 232 -27.30 -6.37 3.24
CA ASP A 232 -28.56 -5.59 3.15
C ASP A 232 -28.52 -4.83 1.83
N GLU A 233 -29.20 -5.36 0.82
CA GLU A 233 -29.19 -4.83 -0.56
C GLU A 233 -29.76 -3.42 -0.61
N ASN A 234 -30.42 -2.99 0.46
CA ASN A 234 -31.03 -1.63 0.56
C ASN A 234 -30.26 -0.74 1.54
N LEU A 235 -29.07 -1.15 1.97
CA LEU A 235 -28.30 -0.29 2.90
C LEU A 235 -28.22 1.12 2.30
N ASP A 236 -28.55 2.10 3.12
CA ASP A 236 -28.63 3.50 2.68
C ASP A 236 -27.61 4.30 3.48
N VAL A 237 -26.55 4.79 2.85
CA VAL A 237 -25.61 5.72 3.53
C VAL A 237 -25.77 7.13 2.96
N THR A 238 -26.86 7.43 2.22
CA THR A 238 -26.99 8.73 1.49
C THR A 238 -27.12 9.89 2.51
N GLY A 239 -27.44 9.61 3.77
CA GLY A 239 -27.37 10.58 4.87
C GLY A 239 -26.01 11.25 4.93
N HIS A 240 -24.95 10.52 4.56
CA HIS A 240 -23.54 11.00 4.67
C HIS A 240 -23.03 11.48 3.32
N VAL A 241 -23.89 11.48 2.29
CA VAL A 241 -23.50 11.97 0.96
C VAL A 241 -23.99 13.40 0.82
N GLY A 242 -23.06 14.37 0.80
CA GLY A 242 -23.35 15.81 0.71
C GLY A 242 -23.61 16.18 -0.73
N SER A 243 -24.11 17.39 -0.99
CA SER A 243 -24.55 17.79 -2.34
C SER A 243 -23.35 17.81 -3.31
N ALA A 244 -22.12 18.00 -2.83
CA ALA A 244 -20.88 17.97 -3.67
C ALA A 244 -20.23 16.58 -3.66
N GLN A 245 -20.92 15.55 -3.19
CA GLN A 245 -20.32 14.19 -3.14
C GLN A 245 -21.14 13.26 -4.02
N SER A 246 -20.55 12.10 -4.33
CA SER A 246 -21.06 11.11 -5.29
C SER A 246 -20.55 9.74 -4.84
N ILE A 247 -21.44 8.75 -4.70
CA ILE A 247 -21.00 7.36 -4.42
C ILE A 247 -21.59 6.36 -5.40
N THR A 248 -20.91 5.21 -5.47
CA THR A 248 -21.43 3.92 -5.96
C THR A 248 -21.95 3.11 -4.77
N ALA A 249 -23.27 3.07 -4.55
CA ALA A 249 -23.90 2.52 -3.33
C ALA A 249 -23.69 1.00 -3.26
N ASP A 250 -23.44 0.33 -4.37
CA ASP A 250 -23.38 -1.15 -4.39
C ASP A 250 -22.23 -1.64 -3.50
N GLU A 251 -21.21 -0.81 -3.26
CA GLU A 251 -20.01 -1.19 -2.47
C GLU A 251 -20.05 -0.52 -1.11
N ALA A 252 -21.24 -0.01 -0.70
CA ALA A 252 -21.44 0.61 0.61
C ALA A 252 -21.39 -0.41 1.76
N TYR A 253 -20.86 0.03 2.90
CA TYR A 253 -20.91 -0.74 4.16
C TYR A 253 -20.96 0.26 5.33
N THR A 254 -21.42 -0.25 6.46
CA THR A 254 -21.34 0.49 7.73
C THR A 254 -20.70 -0.43 8.75
N ILE A 255 -20.04 0.20 9.70
CA ILE A 255 -19.54 -0.49 10.91
C ILE A 255 -19.97 0.33 12.10
N VAL A 256 -20.49 -0.37 13.09
CA VAL A 256 -20.84 0.19 14.42
C VAL A 256 -20.27 -0.81 15.44
N SER A 257 -19.30 -0.36 16.23
CA SER A 257 -18.60 -1.20 17.22
C SER A 257 -18.58 -0.52 18.58
N ASP A 258 -18.51 -1.35 19.61
CA ASP A 258 -18.32 -0.95 21.02
C ASP A 258 -17.55 -2.08 21.71
N ALA A 259 -17.37 -2.01 23.03
CA ALA A 259 -16.58 -3.03 23.76
C ALA A 259 -17.21 -4.42 23.64
N ASP A 260 -18.49 -4.55 23.26
CA ASP A 260 -19.17 -5.88 23.32
C ASP A 260 -19.46 -6.42 21.93
N SER A 261 -19.40 -5.58 20.89
CA SER A 261 -19.97 -5.99 19.59
C SER A 261 -19.29 -5.23 18.45
N VAL A 262 -19.26 -5.88 17.30
CA VAL A 262 -18.84 -5.30 15.99
C VAL A 262 -19.92 -5.71 15.00
N THR A 263 -20.66 -4.72 14.53
CA THR A 263 -21.81 -4.91 13.62
C THR A 263 -21.50 -4.27 12.26
N VAL A 264 -21.39 -5.12 11.24
CA VAL A 264 -21.15 -4.74 9.82
C VAL A 264 -22.44 -4.95 9.04
N LYS A 265 -22.81 -3.95 8.27
CA LYS A 265 -23.81 -4.09 7.21
C LYS A 265 -23.11 -3.84 5.88
N ALA A 266 -23.43 -4.66 4.88
CA ALA A 266 -22.80 -4.59 3.54
C ALA A 266 -23.90 -4.58 2.50
N ARG A 267 -23.79 -3.71 1.50
CA ARG A 267 -24.79 -3.70 0.41
C ARG A 267 -24.54 -4.85 -0.56
N SER A 268 -23.32 -5.41 -0.56
CA SER A 268 -22.91 -6.50 -1.49
C SER A 268 -21.93 -7.41 -0.75
N ALA A 269 -21.67 -8.59 -1.28
CA ALA A 269 -20.62 -9.47 -0.75
C ALA A 269 -19.28 -8.73 -0.86
N THR A 270 -19.08 -8.00 -1.96
CA THR A 270 -17.83 -7.22 -2.19
C THR A 270 -17.68 -6.20 -1.04
N ALA A 271 -18.74 -5.45 -0.73
CA ALA A 271 -18.68 -4.44 0.35
C ALA A 271 -18.35 -5.13 1.68
N GLY A 272 -18.75 -6.39 1.91
CA GLY A 272 -18.34 -7.11 3.15
C GLY A 272 -16.82 -7.26 3.23
N ILE A 273 -16.18 -7.54 2.10
CA ILE A 273 -14.68 -7.60 2.05
C ILE A 273 -14.10 -6.22 2.35
N TRP A 274 -14.69 -5.14 1.83
CA TRP A 274 -14.21 -3.78 2.09
C TRP A 274 -14.30 -3.54 3.60
N ALA A 275 -15.43 -3.89 4.22
CA ALA A 275 -15.61 -3.76 5.68
C ALA A 275 -14.51 -4.53 6.42
N ALA A 276 -14.26 -5.77 6.06
CA ALA A 276 -13.18 -6.59 6.64
C ALA A 276 -11.83 -5.86 6.47
N GLN A 277 -11.54 -5.30 5.29
CA GLN A 277 -10.27 -4.56 5.05
C GLN A 277 -10.20 -3.35 5.98
N THR A 278 -11.30 -2.61 6.13
CA THR A 278 -11.35 -1.48 7.10
C THR A 278 -11.05 -2.01 8.50
N LEU A 279 -11.67 -3.12 8.94
CA LEU A 279 -11.46 -3.62 10.32
C LEU A 279 -9.98 -4.00 10.49
N LEU A 280 -9.40 -4.66 9.50
CA LEU A 280 -7.97 -5.03 9.58
C LEU A 280 -7.07 -3.78 9.63
N GLN A 281 -7.44 -2.67 9.00
CA GLN A 281 -6.64 -1.43 9.15
C GLN A 281 -6.78 -0.86 10.55
N LEU A 282 -7.99 -0.97 11.11
CA LEU A 282 -8.21 -0.44 12.49
C LEU A 282 -7.41 -1.26 13.51
N ILE A 283 -7.32 -2.57 13.36
CA ILE A 283 -6.60 -3.46 14.30
C ILE A 283 -5.12 -3.07 14.25
N GLY A 284 -4.61 -2.71 13.08
CA GLY A 284 -3.30 -2.05 13.01
C GLY A 284 -2.39 -2.71 11.97
N PRO A 285 -1.16 -2.18 11.85
CA PRO A 285 -0.28 -2.55 10.74
C PRO A 285 0.56 -3.82 10.98
N TRP A 286 0.25 -4.55 12.04
CA TRP A 286 0.89 -5.84 12.34
C TRP A 286 -0.04 -7.02 12.08
N THR A 287 -1.24 -6.84 11.51
CA THR A 287 -2.15 -7.99 11.26
C THR A 287 -1.54 -9.01 10.28
N ASN A 288 -0.56 -8.64 9.45
CA ASN A 288 0.07 -9.61 8.49
C ASN A 288 1.37 -10.14 9.08
N SER A 289 1.60 -9.97 10.39
CA SER A 289 2.76 -10.59 11.07
C SER A 289 2.82 -12.09 10.72
N THR A 290 3.99 -12.56 10.33
CA THR A 290 4.21 -13.99 10.05
C THR A 290 4.36 -14.76 11.34
N VAL A 291 4.51 -14.07 12.49
CA VAL A 291 4.61 -14.69 13.83
C VAL A 291 3.49 -14.20 14.76
N LYS A 292 3.03 -15.10 15.62
CA LYS A 292 2.08 -14.78 16.73
C LYS A 292 2.66 -13.64 17.59
N LEU A 293 1.91 -12.55 17.70
CA LEU A 293 2.27 -11.40 18.55
C LEU A 293 1.78 -11.60 19.98
N ALA A 294 2.40 -10.90 20.93
CA ALA A 294 2.08 -11.01 22.37
C ALA A 294 0.91 -10.09 22.71
N ASP A 295 0.73 -8.96 22.04
CA ASP A 295 -0.36 -8.01 22.38
C ASP A 295 -1.68 -8.57 21.85
N VAL A 296 -2.79 -8.30 22.54
CA VAL A 296 -4.13 -8.65 22.00
C VAL A 296 -4.48 -7.64 20.90
N ALA A 297 -5.32 -8.05 19.97
CA ALA A 297 -5.88 -7.23 18.88
C ALA A 297 -7.17 -6.59 19.39
N PHE A 298 -7.36 -5.31 19.10
CA PHE A 298 -8.55 -4.51 19.48
C PHE A 298 -9.13 -3.87 18.25
N ILE A 299 -10.45 -3.81 18.19
CA ILE A 299 -11.18 -2.98 17.21
C ILE A 299 -11.72 -1.82 18.01
N PRO A 300 -11.28 -0.57 17.74
CA PRO A 300 -11.78 0.56 18.50
C PRO A 300 -13.29 0.75 18.25
N ALA A 301 -13.94 1.46 19.18
CA ALA A 301 -15.38 1.76 19.11
C ALA A 301 -15.56 2.83 18.03
N VAL A 302 -16.31 2.51 17.00
CA VAL A 302 -16.43 3.43 15.83
C VAL A 302 -17.82 3.38 15.27
N ASN A 303 -18.14 4.42 14.50
CA ASN A 303 -19.29 4.53 13.58
C ASN A 303 -18.68 4.90 12.22
N ILE A 304 -18.77 3.98 11.28
CA ILE A 304 -18.31 4.22 9.89
C ILE A 304 -19.47 3.97 8.96
N ALA A 305 -19.58 4.85 7.96
CA ALA A 305 -20.44 4.68 6.79
C ALA A 305 -19.56 5.00 5.58
N ASP A 306 -19.47 4.06 4.65
CA ASP A 306 -18.44 4.19 3.60
C ASP A 306 -18.99 3.58 2.31
N ALA A 307 -18.59 4.21 1.23
CA ALA A 307 -18.82 3.80 -0.16
C ALA A 307 -17.82 4.55 -1.04
N PRO A 308 -17.51 3.97 -2.21
CA PRO A 308 -16.57 4.59 -3.12
C PRO A 308 -17.21 5.68 -3.98
N ARG A 309 -16.41 6.68 -4.28
CA ARG A 309 -16.74 7.63 -5.35
C ARG A 309 -16.92 6.88 -6.66
N TYR A 310 -15.91 6.14 -7.11
CA TYR A 310 -15.93 5.53 -8.47
C TYR A 310 -16.17 4.04 -8.32
N GLN A 311 -16.87 3.46 -9.30
CA GLN A 311 -17.19 2.01 -9.30
C GLN A 311 -16.02 1.18 -9.87
N TRP A 312 -15.10 1.78 -10.61
CA TRP A 312 -13.99 1.03 -11.27
C TRP A 312 -12.66 1.54 -10.71
N ARG A 313 -12.01 0.72 -9.91
CA ARG A 313 -10.76 1.06 -9.21
C ARG A 313 -9.78 -0.09 -9.44
N GLY A 314 -8.93 0.06 -10.48
CA GLY A 314 -8.22 -1.11 -11.00
C GLY A 314 -6.72 -0.96 -11.16
N VAL A 315 -6.09 -2.10 -11.40
CA VAL A 315 -4.65 -2.20 -11.77
C VAL A 315 -4.59 -3.06 -13.01
N LEU A 316 -3.96 -2.53 -14.05
CA LEU A 316 -3.55 -3.30 -15.22
C LEU A 316 -2.23 -4.00 -14.87
N VAL A 317 -2.17 -5.31 -15.08
CA VAL A 317 -0.91 -6.07 -14.99
C VAL A 317 -0.65 -6.60 -16.38
N ASP A 318 0.56 -6.37 -16.86
CA ASP A 318 1.09 -6.86 -18.16
C ASP A 318 2.03 -8.04 -17.88
N PRO A 319 1.54 -9.29 -17.87
CA PRO A 319 2.44 -10.42 -17.89
C PRO A 319 2.94 -10.76 -19.31
N ALA A 320 2.40 -10.10 -20.33
CA ALA A 320 2.71 -10.42 -21.74
C ALA A 320 4.16 -10.05 -22.10
N ARG A 321 4.71 -8.97 -21.56
CA ARG A 321 6.13 -8.61 -21.74
C ARG A 321 7.02 -9.53 -20.89
N SER A 322 6.58 -9.85 -19.69
CA SER A 322 7.35 -10.69 -18.75
C SER A 322 6.36 -11.35 -17.80
N PHE A 323 6.33 -12.66 -17.81
CA PHE A 323 5.29 -13.44 -17.11
C PHE A 323 5.41 -13.24 -15.61
N TYR A 324 4.28 -13.39 -14.92
CA TYR A 324 4.23 -13.42 -13.43
C TYR A 324 3.57 -14.71 -13.01
N PRO A 325 4.28 -15.61 -12.29
CA PRO A 325 3.65 -16.82 -11.76
C PRO A 325 2.44 -16.50 -10.89
N LEU A 326 1.52 -17.48 -10.85
CA LEU A 326 0.28 -17.36 -10.07
C LEU A 326 0.52 -16.86 -8.64
N ASP A 327 1.53 -17.35 -7.93
CA ASP A 327 1.76 -17.00 -6.50
C ASP A 327 2.07 -15.49 -6.40
N GLU A 328 2.74 -14.95 -7.40
CA GLU A 328 3.07 -13.50 -7.42
C GLU A 328 1.79 -12.70 -7.69
N MET A 329 0.94 -13.15 -8.62
CA MET A 329 -0.36 -12.48 -8.89
C MET A 329 -1.18 -12.46 -7.59
N LYS A 330 -1.16 -13.54 -6.80
CA LYS A 330 -1.89 -13.57 -5.51
C LYS A 330 -1.36 -12.51 -4.55
N GLN A 331 -0.05 -12.29 -4.50
CA GLN A 331 0.50 -11.23 -3.59
C GLN A 331 0.07 -9.84 -4.09
N MET A 332 -0.01 -9.62 -5.38
CA MET A 332 -0.55 -8.34 -5.90
C MET A 332 -2.01 -8.21 -5.46
N ILE A 333 -2.81 -9.25 -5.69
CA ILE A 333 -4.27 -9.22 -5.37
C ILE A 333 -4.46 -8.88 -3.88
N ASP A 334 -3.63 -9.45 -3.01
CA ASP A 334 -3.74 -9.20 -1.55
C ASP A 334 -3.67 -7.71 -1.29
N VAL A 335 -2.70 -7.00 -1.89
CA VAL A 335 -2.50 -5.58 -1.54
C VAL A 335 -3.56 -4.73 -2.26
N MET A 336 -3.87 -5.03 -3.51
CA MET A 336 -5.00 -4.39 -4.26
C MET A 336 -6.25 -4.43 -3.38
N SER A 337 -6.55 -5.61 -2.82
CA SER A 337 -7.78 -5.80 -1.99
C SER A 337 -7.66 -4.99 -0.71
N ALA A 338 -6.46 -4.93 -0.15
CA ALA A 338 -6.25 -4.25 1.14
C ALA A 338 -6.64 -2.77 1.00
N TYR A 339 -6.56 -2.18 -0.21
CA TYR A 339 -6.84 -0.74 -0.50
C TYR A 339 -8.12 -0.58 -1.33
N LYS A 340 -8.93 -1.63 -1.38
CA LYS A 340 -10.30 -1.66 -1.93
C LYS A 340 -10.26 -1.47 -3.43
N MET A 341 -9.18 -1.85 -4.08
CA MET A 341 -9.18 -1.92 -5.57
C MET A 341 -10.07 -3.12 -5.93
N ASN A 342 -10.86 -3.02 -6.99
CA ASN A 342 -11.86 -4.05 -7.30
C ASN A 342 -11.70 -4.59 -8.71
N THR A 343 -10.62 -4.25 -9.39
CA THR A 343 -10.50 -4.63 -10.82
C THR A 343 -9.05 -4.97 -11.13
N LEU A 344 -8.83 -6.16 -11.69
CA LEU A 344 -7.53 -6.63 -12.15
C LEU A 344 -7.66 -6.80 -13.67
N HIS A 345 -7.09 -5.86 -14.39
CA HIS A 345 -7.11 -5.81 -15.87
C HIS A 345 -5.90 -6.62 -16.31
N LEU A 346 -6.10 -7.75 -17.00
CA LEU A 346 -4.97 -8.56 -17.43
C LEU A 346 -4.67 -8.29 -18.90
N HIS A 347 -3.47 -7.76 -19.12
CA HIS A 347 -3.00 -7.47 -20.51
C HIS A 347 -2.34 -8.75 -21.01
N LEU A 348 -3.11 -9.70 -21.53
CA LEU A 348 -2.73 -11.13 -21.63
C LEU A 348 -1.86 -11.40 -22.86
N SER A 349 -1.89 -10.50 -23.85
CA SER A 349 -1.28 -10.70 -25.18
C SER A 349 -0.60 -9.42 -25.67
N GLU A 350 0.52 -9.59 -26.39
CA GLU A 350 1.36 -8.46 -26.81
C GLU A 350 2.14 -8.87 -28.06
N ASP A 351 2.98 -7.98 -28.50
CA ASP A 351 3.98 -8.34 -29.53
C ASP A 351 4.93 -9.41 -29.00
N GLU A 352 5.11 -9.52 -27.68
CA GLU A 352 6.22 -10.31 -27.10
C GLU A 352 5.72 -11.50 -26.26
N GLY A 353 4.42 -11.80 -26.23
CA GLY A 353 3.99 -12.97 -25.44
C GLY A 353 2.49 -13.12 -25.37
N PHE A 354 2.04 -14.33 -25.08
CA PHE A 354 0.63 -14.73 -24.85
C PHE A 354 0.65 -15.63 -23.61
N ARG A 355 -0.13 -15.26 -22.59
CA ARG A 355 0.11 -15.75 -21.22
C ARG A 355 -1.03 -16.57 -20.63
N VAL A 356 -1.97 -17.07 -21.43
CA VAL A 356 -2.96 -18.06 -20.89
C VAL A 356 -3.20 -19.15 -21.94
N GLU A 357 -3.35 -20.35 -21.46
CA GLU A 357 -3.65 -21.54 -22.31
C GLU A 357 -5.04 -21.39 -22.88
N ILE A 358 -5.15 -21.55 -24.19
CA ILE A 358 -6.45 -21.69 -24.91
C ILE A 358 -6.47 -23.10 -25.52
N THR A 359 -7.53 -23.84 -25.24
CA THR A 359 -7.72 -25.24 -25.69
C THR A 359 -8.61 -25.27 -26.93
N ASN A 360 -8.77 -26.47 -27.48
CA ASN A 360 -9.68 -26.71 -28.62
C ASN A 360 -11.08 -27.17 -28.18
N ASP A 361 -11.40 -27.11 -26.89
CA ASP A 361 -12.75 -27.43 -26.36
C ASP A 361 -13.74 -26.31 -26.74
N GLY A 362 -14.91 -26.71 -27.22
CA GLY A 362 -16.04 -25.78 -27.42
C GLY A 362 -15.81 -24.82 -28.56
N ARG A 363 -15.01 -25.17 -29.57
CA ARG A 363 -14.89 -24.27 -30.73
C ARG A 363 -16.24 -24.21 -31.45
N ALA A 364 -16.46 -23.12 -32.17
CA ALA A 364 -17.61 -22.95 -33.09
C ALA A 364 -17.59 -24.05 -34.16
N ASP A 365 -18.77 -24.38 -34.66
CA ASP A 365 -18.96 -25.25 -35.84
C ASP A 365 -18.08 -24.75 -36.97
N GLY A 366 -17.31 -25.66 -37.56
CA GLY A 366 -16.44 -25.42 -38.74
C GLY A 366 -15.06 -24.92 -38.37
N ASP A 367 -14.82 -24.61 -37.08
CA ASP A 367 -13.51 -24.04 -36.66
C ASP A 367 -12.55 -25.18 -36.28
N THR A 368 -11.56 -25.44 -37.11
CA THR A 368 -10.54 -26.49 -36.87
C THR A 368 -9.19 -25.86 -36.52
N THR A 369 -9.19 -24.59 -36.10
CA THR A 369 -7.97 -23.91 -35.63
C THR A 369 -7.41 -24.74 -34.46
N ASP A 370 -6.10 -24.90 -34.41
CA ASP A 370 -5.43 -25.57 -33.24
C ASP A 370 -4.99 -24.46 -32.29
N TYR A 371 -5.84 -24.12 -31.35
CA TYR A 371 -5.56 -23.06 -30.35
C TYR A 371 -4.45 -23.47 -29.39
N THR A 372 -4.10 -24.75 -29.27
CA THR A 372 -3.13 -25.20 -28.24
C THR A 372 -1.76 -24.60 -28.59
N GLN A 373 -1.52 -24.29 -29.86
CA GLN A 373 -0.23 -23.74 -30.31
C GLN A 373 0.03 -22.34 -29.73
N LEU A 374 -1.03 -21.60 -29.37
CA LEU A 374 -0.89 -20.19 -29.01
C LEU A 374 -0.02 -20.09 -27.74
N ALA A 375 -0.40 -20.75 -26.64
CA ALA A 375 0.44 -20.74 -25.42
C ALA A 375 1.74 -21.51 -25.69
N ILE A 376 1.72 -22.59 -26.48
CA ILE A 376 2.96 -23.40 -26.64
C ILE A 376 4.02 -22.53 -27.32
N LYS A 377 3.64 -21.83 -28.38
CA LYS A 377 4.60 -21.08 -29.21
C LYS A 377 4.82 -19.71 -28.57
N SER A 378 3.74 -19.02 -28.20
CA SER A 378 3.88 -17.58 -27.82
C SER A 378 3.98 -17.44 -26.29
N GLY A 379 3.84 -18.52 -25.54
CA GLY A 379 4.29 -18.53 -24.13
C GLY A 379 5.79 -18.52 -24.03
N ALA A 380 6.46 -19.02 -25.06
CA ALA A 380 7.90 -19.30 -25.08
C ALA A 380 8.70 -18.07 -25.49
N ILE A 381 8.03 -16.96 -25.81
CA ILE A 381 8.69 -15.66 -26.17
C ILE A 381 8.44 -14.66 -25.05
N SER A 382 9.21 -13.59 -25.05
CA SER A 382 9.12 -12.54 -24.03
C SER A 382 9.87 -11.32 -24.53
N TYR A 383 9.74 -10.21 -23.82
CA TYR A 383 10.49 -8.98 -24.18
C TYR A 383 11.98 -9.26 -24.23
N GLN A 384 12.67 -8.82 -25.29
CA GLN A 384 14.11 -9.12 -25.52
C GLN A 384 14.97 -7.94 -25.04
N SER A 385 15.86 -8.20 -24.10
CA SER A 385 16.81 -7.18 -23.56
C SER A 385 17.69 -6.65 -24.71
N ALA A 386 18.12 -7.56 -25.60
CA ALA A 386 18.99 -7.23 -26.77
C ALA A 386 18.32 -6.22 -27.70
N TRP A 387 16.98 -6.11 -27.74
CA TRP A 387 16.28 -5.12 -28.62
C TRP A 387 16.10 -3.82 -27.87
N THR A 388 16.84 -3.66 -26.78
CA THR A 388 16.85 -2.40 -26.00
C THR A 388 18.28 -1.88 -26.06
N SER A 389 18.44 -0.57 -25.95
CA SER A 389 19.77 0.07 -25.98
C SER A 389 19.88 0.95 -24.73
N ASN A 390 19.19 0.55 -23.66
CA ASN A 390 19.06 1.46 -22.51
C ASN A 390 19.48 0.74 -21.24
N TRP A 391 18.85 1.15 -20.16
CA TRP A 391 19.07 0.69 -18.76
C TRP A 391 18.18 -0.52 -18.44
N SER A 392 17.39 -1.03 -19.38
CA SER A 392 16.55 -2.24 -19.15
C SER A 392 17.44 -3.38 -18.66
N PRO A 393 16.98 -4.25 -17.73
CA PRO A 393 17.77 -5.41 -17.28
C PRO A 393 18.38 -6.20 -18.43
N ALA A 394 19.54 -6.81 -18.19
CA ALA A 394 20.20 -7.75 -19.15
C ALA A 394 19.31 -8.98 -19.39
N GLN A 395 18.43 -9.32 -18.46
CA GLN A 395 17.57 -10.54 -18.55
C GLN A 395 16.40 -10.25 -19.47
N ASP A 396 16.07 -11.17 -20.39
CA ASP A 396 14.82 -11.10 -21.18
C ASP A 396 13.62 -11.26 -20.23
N GLY A 397 12.43 -10.89 -20.69
CA GLY A 397 11.20 -11.08 -19.92
C GLY A 397 11.07 -12.54 -19.53
N ARG A 398 10.45 -12.80 -18.42
CA ARG A 398 10.15 -14.21 -18.04
C ARG A 398 9.18 -14.80 -19.05
N THR A 399 9.41 -16.06 -19.43
CA THR A 399 8.52 -16.78 -20.36
C THR A 399 7.51 -17.58 -19.53
N GLY A 400 6.56 -18.20 -20.19
CA GLY A 400 5.54 -19.05 -19.54
C GLY A 400 4.16 -18.50 -19.70
N TYR A 401 3.18 -19.16 -19.11
CA TYR A 401 1.75 -18.82 -19.26
C TYR A 401 1.01 -19.53 -18.16
N TRP A 402 -0.13 -18.99 -17.78
CA TRP A 402 -1.02 -19.68 -16.82
C TRP A 402 -1.74 -20.79 -17.56
N THR A 403 -1.66 -22.01 -17.04
CA THR A 403 -2.55 -23.10 -17.50
C THR A 403 -4.00 -22.71 -17.22
N GLN A 404 -4.96 -23.38 -17.86
CA GLN A 404 -6.37 -23.06 -17.57
C GLN A 404 -6.65 -23.23 -16.07
N SER A 405 -6.13 -24.30 -15.45
CA SER A 405 -6.29 -24.58 -14.00
C SER A 405 -5.79 -23.39 -13.19
N GLU A 406 -4.59 -22.92 -13.51
CA GLU A 406 -3.97 -21.81 -12.77
C GLU A 406 -4.78 -20.54 -13.02
N PHE A 407 -5.24 -20.30 -14.24
CA PHE A 407 -6.01 -19.07 -14.55
C PHE A 407 -7.32 -19.09 -13.76
N ILE A 408 -7.98 -20.26 -13.67
CA ILE A 408 -9.24 -20.39 -12.91
C ILE A 408 -8.90 -20.07 -11.47
N GLU A 409 -7.76 -20.57 -10.98
CA GLU A 409 -7.35 -20.33 -9.59
C GLU A 409 -7.08 -18.82 -9.38
N LEU A 410 -6.50 -18.15 -10.36
CA LEU A 410 -6.25 -16.69 -10.32
C LEU A 410 -7.59 -15.96 -10.19
N VAL A 411 -8.55 -16.33 -11.02
CA VAL A 411 -9.92 -15.73 -10.99
C VAL A 411 -10.53 -15.95 -9.60
N ALA A 412 -10.47 -17.17 -9.08
CA ALA A 412 -11.11 -17.49 -7.79
C ALA A 412 -10.47 -16.64 -6.70
N TYR A 413 -9.13 -16.50 -6.73
CA TYR A 413 -8.40 -15.85 -5.61
C TYR A 413 -8.77 -14.36 -5.64
N ALA A 414 -8.78 -13.77 -6.84
CA ALA A 414 -9.21 -12.37 -7.09
C ALA A 414 -10.62 -12.19 -6.53
N ALA A 415 -11.55 -13.09 -6.88
CA ALA A 415 -12.97 -12.95 -6.48
C ALA A 415 -13.07 -13.00 -4.95
N ASP A 416 -12.34 -13.90 -4.31
CA ASP A 416 -12.32 -14.07 -2.84
C ASP A 416 -11.71 -12.84 -2.16
N HIS A 417 -11.14 -11.90 -2.92
CA HIS A 417 -10.63 -10.61 -2.42
C HIS A 417 -11.44 -9.42 -2.95
N GLY A 418 -12.59 -9.66 -3.60
CA GLY A 418 -13.44 -8.56 -4.06
C GLY A 418 -13.05 -7.99 -5.42
N ILE A 419 -12.21 -8.70 -6.16
CA ILE A 419 -11.59 -8.18 -7.40
C ILE A 419 -12.06 -9.01 -8.59
N ALA A 420 -12.64 -8.34 -9.57
CA ALA A 420 -13.03 -8.95 -10.86
C ALA A 420 -11.89 -8.89 -11.85
N ILE A 421 -11.87 -9.88 -12.74
CA ILE A 421 -10.90 -9.93 -13.87
C ILE A 421 -11.48 -9.26 -15.09
N VAL A 422 -10.70 -8.38 -15.70
CA VAL A 422 -11.03 -7.79 -17.00
C VAL A 422 -9.92 -8.18 -17.96
N PRO A 423 -10.21 -9.11 -18.89
CA PRO A 423 -9.23 -9.53 -19.87
C PRO A 423 -9.07 -8.50 -20.98
N GLU A 424 -7.85 -8.39 -21.50
CA GLU A 424 -7.56 -7.63 -22.73
C GLU A 424 -6.79 -8.54 -23.67
N ILE A 425 -7.29 -8.63 -24.91
CA ILE A 425 -6.58 -9.28 -26.03
C ILE A 425 -6.44 -8.17 -27.06
N ASP A 426 -5.30 -7.53 -27.07
CA ASP A 426 -5.07 -6.30 -27.84
C ASP A 426 -5.03 -6.61 -29.33
N GLY A 427 -5.74 -5.79 -30.08
CA GLY A 427 -5.64 -5.78 -31.54
C GLY A 427 -6.18 -4.45 -32.05
N PRO A 428 -5.97 -4.15 -33.35
CA PRO A 428 -5.34 -5.08 -34.28
C PRO A 428 -3.81 -5.08 -34.21
N GLY A 429 -3.22 -4.07 -33.56
CA GLY A 429 -1.77 -4.04 -33.34
C GLY A 429 -1.39 -4.66 -32.00
N HIS A 430 -0.12 -4.63 -31.61
CA HIS A 430 0.34 -5.24 -30.33
C HIS A 430 -0.09 -6.70 -30.32
N SER A 431 -0.12 -7.32 -31.51
CA SER A 431 -0.79 -8.61 -31.74
C SER A 431 0.16 -9.67 -32.29
N PHE A 432 1.46 -9.40 -32.32
CA PHE A 432 2.44 -10.33 -32.93
C PHE A 432 2.37 -11.71 -32.26
N SER A 433 2.13 -11.80 -30.95
CA SER A 433 2.03 -13.13 -30.25
C SER A 433 0.92 -13.96 -30.88
N LEU A 434 -0.18 -13.37 -31.32
CA LEU A 434 -1.28 -14.14 -31.96
C LEU A 434 -0.81 -14.70 -33.31
N LEU A 435 -0.14 -13.88 -34.12
CA LEU A 435 0.34 -14.32 -35.46
C LEU A 435 1.42 -15.40 -35.27
N HIS A 436 2.28 -15.20 -34.29
CA HIS A 436 3.43 -16.11 -33.99
C HIS A 436 2.91 -17.45 -33.48
N GLY A 437 1.78 -17.41 -32.77
CA GLY A 437 1.17 -18.58 -32.11
C GLY A 437 0.24 -19.35 -33.03
N LEU A 438 -0.50 -18.68 -33.90
CA LEU A 438 -1.55 -19.37 -34.71
C LEU A 438 -1.22 -19.23 -36.20
N ALA A 439 -0.76 -20.29 -36.83
CA ALA A 439 -0.54 -20.31 -38.29
C ALA A 439 -1.75 -19.70 -39.00
N GLU A 440 -2.94 -20.09 -38.56
CA GLU A 440 -4.25 -19.81 -39.20
C GLU A 440 -4.52 -18.30 -39.27
N LEU A 441 -3.91 -17.48 -38.38
CA LEU A 441 -4.19 -16.02 -38.40
C LEU A 441 -3.34 -15.30 -39.47
N ASN A 442 -2.33 -15.97 -40.02
CA ASN A 442 -1.41 -15.42 -41.05
C ASN A 442 -2.11 -15.58 -42.40
N THR A 443 -2.83 -14.53 -42.81
CA THR A 443 -3.75 -14.54 -43.98
C THR A 443 -4.15 -13.09 -44.31
N GLY A 444 -4.79 -12.86 -45.45
CA GLY A 444 -5.34 -11.55 -45.78
C GLY A 444 -4.31 -10.45 -45.54
N ASN A 445 -4.66 -9.42 -44.78
CA ASN A 445 -3.81 -8.19 -44.67
C ASN A 445 -2.95 -8.22 -43.39
N SER A 446 -2.82 -9.38 -42.72
CA SER A 446 -1.91 -9.56 -41.55
C SER A 446 -0.50 -9.08 -41.87
N ASN A 447 0.24 -8.62 -40.87
CA ASN A 447 1.64 -8.12 -41.01
C ASN A 447 2.40 -8.37 -39.70
N PRO A 448 3.69 -8.78 -39.71
CA PRO A 448 4.40 -9.20 -40.91
C PRO A 448 4.04 -10.61 -41.37
N LYS A 449 4.41 -10.97 -42.61
CA LYS A 449 4.13 -12.31 -43.16
C LYS A 449 5.24 -13.25 -42.72
N PRO A 450 4.92 -14.54 -42.60
CA PRO A 450 5.95 -15.57 -42.43
C PRO A 450 6.91 -15.56 -43.62
N ALA A 451 8.19 -15.83 -43.40
CA ALA A 451 9.19 -16.06 -44.48
C ALA A 451 8.68 -17.19 -45.37
N ALA A 452 9.15 -17.27 -46.62
CA ALA A 452 8.79 -18.35 -47.58
C ALA A 452 8.97 -19.73 -46.90
N GLY A 453 7.99 -20.60 -47.07
CA GLY A 453 7.99 -21.98 -46.54
C GLY A 453 7.73 -22.06 -45.03
N GLU A 454 7.42 -20.95 -44.36
CA GLU A 454 7.12 -20.90 -42.89
C GLU A 454 5.63 -20.65 -42.69
N ASP A 455 5.03 -21.20 -41.64
CA ASP A 455 3.58 -20.99 -41.43
C ASP A 455 3.33 -19.91 -40.35
N THR A 456 4.35 -19.47 -39.61
CA THR A 456 4.19 -18.34 -38.66
C THR A 456 5.40 -17.43 -38.80
N PRO A 457 5.23 -16.12 -38.57
CA PRO A 457 6.33 -15.16 -38.67
C PRO A 457 7.32 -15.34 -37.50
N ALA A 458 8.61 -15.11 -37.79
CA ALA A 458 9.75 -15.22 -36.87
C ALA A 458 9.64 -14.10 -35.84
N PHE A 459 9.92 -14.44 -34.59
CA PHE A 459 10.04 -13.43 -33.50
C PHE A 459 11.42 -12.78 -33.58
N ILE A 460 11.49 -11.74 -34.37
CA ILE A 460 12.73 -10.95 -34.64
C ILE A 460 12.40 -9.49 -34.40
N GLN A 461 13.42 -8.65 -34.20
CA GLN A 461 13.26 -7.23 -33.80
C GLN A 461 12.38 -6.46 -34.82
N SER A 462 12.48 -6.75 -36.12
CA SER A 462 11.75 -6.02 -37.21
C SER A 462 10.22 -6.18 -37.08
N ALA A 463 9.73 -7.22 -36.39
CA ALA A 463 8.28 -7.43 -36.16
C ALA A 463 7.74 -6.44 -35.13
N GLN A 464 8.58 -5.95 -34.23
CA GLN A 464 8.08 -5.29 -33.01
C GLN A 464 7.47 -3.94 -33.39
N GLY A 465 6.21 -3.68 -32.99
CA GLY A 465 5.49 -2.45 -33.36
C GLY A 465 5.12 -2.41 -34.83
N ARG A 466 5.14 -3.55 -35.53
CA ARG A 466 4.75 -3.60 -36.97
C ARG A 466 3.68 -4.66 -37.20
N SER A 467 3.06 -5.12 -36.11
CA SER A 467 2.09 -6.23 -36.17
C SER A 467 0.75 -5.68 -36.62
N SER A 468 0.02 -6.47 -37.41
CA SER A 468 -1.43 -6.30 -37.59
C SER A 468 -2.06 -7.68 -37.72
N LEU A 469 -3.16 -7.91 -37.02
CA LEU A 469 -4.05 -9.05 -37.39
C LEU A 469 -4.61 -8.79 -38.81
N ALA A 470 -5.12 -9.83 -39.45
CA ALA A 470 -5.81 -9.72 -40.74
C ALA A 470 -7.19 -9.14 -40.44
N THR A 471 -7.39 -7.84 -40.67
CA THR A 471 -8.64 -7.17 -40.29
C THR A 471 -9.73 -7.58 -41.29
N ASP A 472 -9.29 -8.04 -42.46
CA ASP A 472 -10.17 -8.39 -43.61
C ASP A 472 -10.54 -9.89 -43.63
N ALA A 473 -10.12 -10.69 -42.64
CA ALA A 473 -10.25 -12.18 -42.70
C ALA A 473 -11.18 -12.68 -41.59
N ASP A 474 -12.14 -13.54 -41.97
CA ASP A 474 -13.15 -14.12 -41.05
C ASP A 474 -12.44 -14.88 -39.91
N ILE A 475 -11.30 -15.52 -40.21
CA ILE A 475 -10.60 -16.38 -39.20
C ILE A 475 -10.15 -15.53 -38.00
N THR A 476 -9.80 -14.26 -38.25
CA THR A 476 -9.41 -13.37 -37.13
C THR A 476 -10.52 -13.33 -36.09
N TYR A 477 -11.76 -13.17 -36.54
CA TYR A 477 -12.94 -12.96 -35.66
C TYR A 477 -13.41 -14.29 -35.06
N THR A 478 -13.29 -15.38 -35.83
CA THR A 478 -13.49 -16.74 -35.27
C THR A 478 -12.56 -16.95 -34.06
N VAL A 479 -11.28 -16.70 -34.25
CA VAL A 479 -10.24 -16.87 -33.22
C VAL A 479 -10.56 -15.95 -32.02
N LEU A 480 -10.81 -14.67 -32.28
CA LEU A 480 -11.10 -13.74 -31.15
C LEU A 480 -12.29 -14.25 -30.35
N GLY A 481 -13.33 -14.67 -31.06
CA GLY A 481 -14.57 -15.15 -30.43
C GLY A 481 -14.29 -16.38 -29.60
N HIS A 482 -13.42 -17.25 -30.10
CA HIS A 482 -13.10 -18.47 -29.30
C HIS A 482 -12.33 -18.08 -28.05
N ILE A 483 -11.36 -17.17 -28.19
CA ILE A 483 -10.56 -16.73 -27.00
C ILE A 483 -11.49 -16.08 -25.99
N MET A 484 -12.44 -15.23 -26.44
CA MET A 484 -13.44 -14.63 -25.53
C MET A 484 -14.25 -15.72 -24.82
N ASP A 485 -14.69 -16.73 -25.57
CA ASP A 485 -15.51 -17.82 -24.99
C ASP A 485 -14.69 -18.57 -23.95
N GLN A 486 -13.41 -18.83 -24.23
CA GLN A 486 -12.54 -19.59 -23.31
C GLN A 486 -12.29 -18.77 -22.04
N LEU A 487 -11.97 -17.49 -22.20
CA LEU A 487 -11.77 -16.62 -21.01
C LEU A 487 -13.05 -16.62 -20.15
N ASP A 488 -14.22 -16.53 -20.78
CA ASP A 488 -15.52 -16.49 -20.07
C ASP A 488 -15.75 -17.77 -19.26
N GLY A 489 -15.49 -18.91 -19.87
CA GLY A 489 -15.63 -20.23 -19.23
C GLY A 489 -14.73 -20.33 -18.02
N MET A 490 -13.49 -19.86 -18.15
CA MET A 490 -12.52 -19.91 -17.04
C MET A 490 -12.94 -18.93 -15.96
N ILE A 491 -13.43 -17.76 -16.33
CA ILE A 491 -13.90 -16.75 -15.34
C ILE A 491 -15.10 -17.35 -14.60
N ASP A 492 -16.04 -17.95 -15.33
CA ASP A 492 -17.24 -18.55 -14.68
C ASP A 492 -16.77 -19.59 -13.65
N LYS A 493 -15.84 -20.47 -14.01
CA LYS A 493 -15.36 -21.55 -13.11
C LYS A 493 -14.66 -20.95 -11.90
N GLY A 494 -13.86 -19.90 -12.08
CA GLY A 494 -13.16 -19.33 -10.92
C GLY A 494 -14.15 -18.63 -10.01
N ILE A 495 -15.14 -17.95 -10.57
CA ILE A 495 -16.15 -17.28 -9.70
C ILE A 495 -16.91 -18.39 -8.95
N LYS A 496 -17.26 -19.47 -9.64
CA LYS A 496 -17.98 -20.61 -8.99
C LYS A 496 -17.12 -21.12 -7.83
N ALA A 497 -15.82 -21.31 -8.02
CA ALA A 497 -14.91 -21.80 -6.95
C ALA A 497 -14.86 -20.81 -5.79
N SER A 498 -14.95 -19.52 -6.07
CA SER A 498 -14.81 -18.48 -5.03
C SER A 498 -16.01 -18.47 -4.07
N THR A 499 -17.17 -18.89 -4.55
CA THR A 499 -18.50 -18.73 -3.85
C THR A 499 -19.01 -17.28 -3.87
N MET A 500 -18.26 -16.28 -4.38
CA MET A 500 -18.78 -14.89 -4.49
C MET A 500 -19.85 -14.84 -5.59
N PRO A 501 -20.83 -13.93 -5.51
CA PRO A 501 -21.89 -13.84 -6.51
C PRO A 501 -21.37 -13.44 -7.89
N ALA A 502 -21.74 -14.21 -8.91
CA ALA A 502 -21.42 -13.88 -10.31
C ALA A 502 -22.02 -12.52 -10.63
N SER A 503 -23.16 -12.18 -10.04
CA SER A 503 -23.81 -10.87 -10.31
C SER A 503 -22.86 -9.73 -9.90
N GLU A 504 -21.94 -9.99 -8.98
CA GLU A 504 -20.96 -8.97 -8.50
C GLU A 504 -19.62 -9.15 -9.22
N LEU A 505 -19.18 -10.37 -9.45
CA LEU A 505 -17.75 -10.59 -9.77
C LEU A 505 -17.55 -10.86 -11.26
N LYS A 506 -18.60 -11.16 -12.03
CA LYS A 506 -18.44 -11.40 -13.49
C LYS A 506 -18.60 -10.06 -14.20
N ARG A 507 -17.47 -9.41 -14.50
CA ARG A 507 -17.42 -8.02 -15.01
C ARG A 507 -17.73 -8.08 -16.50
N MET A 508 -18.88 -7.52 -16.90
CA MET A 508 -19.39 -7.77 -18.27
C MET A 508 -18.77 -6.74 -19.23
N TYR A 509 -17.44 -6.76 -19.28
CA TYR A 509 -16.61 -5.86 -20.11
C TYR A 509 -15.54 -6.71 -20.74
N PHE A 510 -15.13 -6.34 -21.94
CA PHE A 510 -13.96 -6.97 -22.61
C PHE A 510 -13.14 -5.87 -23.25
N HIS A 511 -11.84 -5.88 -23.02
CA HIS A 511 -10.92 -4.84 -23.55
C HIS A 511 -10.29 -5.29 -24.87
N LEU A 512 -10.61 -4.62 -25.97
CA LEU A 512 -10.13 -4.97 -27.33
C LEU A 512 -8.80 -4.28 -27.62
N GLY A 513 -8.38 -3.40 -26.73
CA GLY A 513 -7.09 -2.71 -26.92
C GLY A 513 -7.25 -1.57 -27.92
N GLY A 514 -6.80 -1.80 -29.16
CA GLY A 514 -6.83 -0.83 -30.27
C GLY A 514 -5.69 0.18 -30.28
N ASP A 515 -4.70 0.10 -29.36
CA ASP A 515 -3.63 1.13 -29.16
C ASP A 515 -2.48 0.95 -30.15
N GLU A 516 -1.83 2.08 -30.55
CA GLU A 516 -0.47 2.15 -31.18
C GLU A 516 -0.31 1.14 -32.34
N LEU A 517 -1.32 0.97 -33.20
CA LEU A 517 -1.16 0.11 -34.41
C LEU A 517 -0.09 0.78 -35.29
N PHE A 518 0.94 0.02 -35.65
CA PHE A 518 2.01 0.41 -36.61
C PHE A 518 2.82 1.59 -36.04
N LEU A 519 3.02 1.62 -34.71
CA LEU A 519 3.84 2.67 -34.05
C LEU A 519 5.23 2.76 -34.70
N SER A 520 5.82 1.62 -35.07
CA SER A 520 7.22 1.54 -35.60
C SER A 520 7.22 1.50 -37.14
N GLY A 521 6.05 1.63 -37.79
CA GLY A 521 5.82 1.35 -39.23
C GLY A 521 4.95 0.10 -39.44
N GLY A 522 4.90 -0.44 -40.65
CA GLY A 522 3.93 -1.49 -41.01
C GLY A 522 3.27 -1.16 -42.34
N ALA A 523 2.08 -1.71 -42.60
CA ALA A 523 1.56 -1.92 -43.96
C ALA A 523 0.62 -0.81 -44.37
N GLY A 524 0.43 0.22 -43.53
CA GLY A 524 -0.43 1.39 -43.83
C GLY A 524 -1.92 1.05 -43.76
N ASN A 525 -2.79 2.04 -44.06
CA ASN A 525 -4.29 1.97 -43.93
C ASN A 525 -4.64 1.93 -42.45
N LYS A 526 -3.85 2.59 -41.60
CA LYS A 526 -4.00 2.49 -40.14
C LYS A 526 -5.49 2.69 -39.80
N THR A 527 -6.14 3.72 -40.35
CA THR A 527 -7.51 4.11 -39.91
C THR A 527 -8.53 3.09 -40.39
N GLU A 528 -8.48 2.72 -41.67
CA GLU A 528 -9.40 1.74 -42.31
C GLU A 528 -9.27 0.38 -41.57
N ARG A 529 -8.07 0.02 -41.09
CA ARG A 529 -7.82 -1.21 -40.29
C ARG A 529 -8.54 -1.11 -38.93
N LEU A 530 -8.29 -0.05 -38.15
CA LEU A 530 -8.94 0.13 -36.81
C LEU A 530 -10.45 0.01 -37.04
N GLN A 531 -11.00 0.65 -38.08
CA GLN A 531 -12.47 0.75 -38.21
C GLN A 531 -13.11 -0.61 -38.48
N GLU A 532 -12.57 -1.38 -39.43
CA GLU A 532 -13.03 -2.75 -39.76
C GLU A 532 -12.88 -3.67 -38.54
N TYR A 533 -11.70 -3.67 -37.94
CA TYR A 533 -11.33 -4.61 -36.86
C TYR A 533 -12.15 -4.34 -35.59
N LEU A 534 -12.16 -3.09 -35.12
CA LEU A 534 -12.89 -2.74 -33.87
C LEU A 534 -14.39 -2.75 -34.11
N GLY A 535 -14.88 -2.54 -35.35
CA GLY A 535 -16.30 -2.78 -35.66
C GLY A 535 -16.68 -4.25 -35.50
N ARG A 536 -15.95 -5.15 -36.13
CA ARG A 536 -16.29 -6.60 -36.10
C ARG A 536 -16.04 -7.15 -34.69
N SER A 537 -14.91 -6.77 -34.05
CA SER A 537 -14.55 -7.25 -32.68
C SER A 537 -15.56 -6.72 -31.66
N GLY A 538 -15.88 -5.42 -31.73
CA GLY A 538 -16.91 -4.84 -30.86
C GLY A 538 -18.21 -5.63 -30.97
N ALA A 539 -18.59 -6.07 -32.19
CA ALA A 539 -19.82 -6.89 -32.40
C ALA A 539 -19.67 -8.24 -31.65
N LEU A 540 -18.46 -8.80 -31.60
CA LEU A 540 -18.19 -10.04 -30.82
C LEU A 540 -18.45 -9.80 -29.32
N VAL A 541 -17.97 -8.67 -28.81
CA VAL A 541 -18.15 -8.35 -27.36
C VAL A 541 -19.64 -8.15 -27.06
N LYS A 542 -20.33 -7.39 -27.91
CA LYS A 542 -21.78 -7.11 -27.72
C LYS A 542 -22.58 -8.41 -27.74
N GLU A 543 -22.29 -9.33 -28.67
CA GLU A 543 -23.07 -10.58 -28.79
C GLU A 543 -22.80 -11.46 -27.58
N ARG A 544 -21.75 -11.16 -26.82
CA ARG A 544 -21.45 -11.88 -25.54
C ARG A 544 -21.96 -11.06 -24.35
N ASP A 545 -22.86 -10.11 -24.59
CA ASP A 545 -23.57 -9.34 -23.52
C ASP A 545 -22.55 -8.51 -22.73
N LYS A 546 -21.53 -8.00 -23.41
CA LYS A 546 -20.49 -7.20 -22.73
C LYS A 546 -20.34 -5.85 -23.40
N THR A 547 -19.74 -4.95 -22.63
CA THR A 547 -19.36 -3.59 -23.00
C THR A 547 -17.90 -3.61 -23.44
N THR A 548 -17.66 -3.04 -24.61
CA THR A 548 -16.34 -2.95 -25.23
C THR A 548 -15.53 -1.83 -24.59
N ILE A 549 -14.25 -2.09 -24.31
CA ILE A 549 -13.28 -1.04 -23.88
C ILE A 549 -12.18 -0.96 -24.95
N VAL A 550 -11.77 0.25 -25.31
CA VAL A 550 -10.61 0.51 -26.21
C VAL A 550 -9.76 1.61 -25.59
N TRP A 551 -8.47 1.53 -25.82
CA TRP A 551 -7.55 2.65 -25.48
C TRP A 551 -7.93 3.86 -26.35
N ASN A 552 -7.52 5.05 -25.96
CA ASN A 552 -8.09 6.27 -26.60
C ASN A 552 -7.50 6.38 -27.99
N ASP A 553 -6.36 5.76 -28.23
CA ASP A 553 -5.72 5.89 -29.56
C ASP A 553 -6.30 4.86 -30.50
N GLY A 554 -7.44 4.25 -30.17
CA GLY A 554 -8.28 3.39 -31.04
C GLY A 554 -9.65 4.01 -31.38
N LEU A 555 -9.92 5.21 -30.90
CA LEU A 555 -11.19 5.93 -31.17
C LEU A 555 -11.20 6.51 -32.61
N ASP A 556 -10.23 6.19 -33.47
CA ASP A 556 -10.37 6.24 -34.94
C ASP A 556 -11.62 5.45 -35.33
N ALA A 557 -12.05 4.50 -34.50
CA ALA A 557 -13.21 3.61 -34.73
C ALA A 557 -14.35 3.98 -33.77
N VAL A 558 -14.41 5.25 -33.35
CA VAL A 558 -15.48 5.73 -32.40
C VAL A 558 -16.86 5.43 -33.00
N ASP A 559 -17.05 5.54 -34.32
CA ASP A 559 -18.40 5.33 -34.90
C ASP A 559 -18.71 3.85 -35.10
N GLN A 560 -17.70 2.97 -35.16
CA GLN A 560 -17.90 1.55 -35.52
C GLN A 560 -18.05 0.69 -34.25
N ILE A 561 -17.46 1.07 -33.14
CA ILE A 561 -17.66 0.30 -31.88
C ILE A 561 -19.08 0.52 -31.39
N PRO A 562 -19.63 -0.40 -30.58
CA PRO A 562 -21.02 -0.28 -30.14
C PRO A 562 -21.27 1.02 -29.36
N GLU A 563 -22.46 1.55 -29.56
CA GLU A 563 -23.07 2.54 -28.65
C GLU A 563 -22.74 2.13 -27.22
N GLY A 564 -22.28 3.06 -26.38
CA GLY A 564 -22.10 2.82 -24.93
C GLY A 564 -20.76 2.17 -24.60
N SER A 565 -19.89 2.04 -25.60
CA SER A 565 -18.49 1.55 -25.41
C SER A 565 -17.73 2.48 -24.44
N VAL A 566 -16.61 1.99 -23.94
CA VAL A 566 -15.77 2.68 -22.93
C VAL A 566 -14.40 2.99 -23.55
N VAL A 567 -13.88 4.18 -23.28
CA VAL A 567 -12.49 4.53 -23.62
C VAL A 567 -11.66 4.44 -22.35
N GLN A 568 -10.55 3.69 -22.43
CA GLN A 568 -9.51 3.80 -21.39
C GLN A 568 -8.52 4.86 -21.88
N HIS A 569 -8.53 6.00 -21.20
CA HIS A 569 -7.71 7.17 -21.55
C HIS A 569 -6.32 7.03 -20.96
N TRP A 570 -5.30 7.14 -21.78
CA TRP A 570 -3.91 7.19 -21.25
C TRP A 570 -3.07 8.32 -21.83
N THR A 571 -3.27 8.70 -23.10
CA THR A 571 -2.30 9.57 -23.82
C THR A 571 -2.97 10.92 -24.12
N GLY A 572 -2.35 11.98 -23.66
CA GLY A 572 -2.72 13.37 -23.95
C GLY A 572 -3.83 13.84 -23.06
N ASN A 573 -4.47 14.93 -23.46
CA ASN A 573 -5.48 15.64 -22.63
C ASN A 573 -6.88 15.15 -23.02
N ALA A 574 -7.56 14.40 -22.17
CA ALA A 574 -8.88 13.84 -22.54
C ALA A 574 -9.92 14.95 -22.73
N ALA A 575 -9.81 16.00 -21.92
CA ALA A 575 -10.82 17.09 -21.85
C ALA A 575 -10.92 17.81 -23.20
N ASN A 576 -9.84 17.83 -23.97
CA ASN A 576 -9.76 18.47 -25.32
C ASN A 576 -9.76 17.46 -26.46
N ASN A 577 -9.88 16.17 -26.15
CA ASN A 577 -9.85 15.12 -27.17
C ASN A 577 -11.25 15.02 -27.79
N ALA A 578 -11.38 15.48 -29.04
CA ALA A 578 -12.64 15.48 -29.80
C ALA A 578 -13.25 14.07 -29.87
N SER A 579 -12.46 13.03 -30.14
CA SER A 579 -13.03 11.67 -30.32
C SER A 579 -13.51 11.13 -28.96
N ILE A 580 -12.84 11.46 -27.84
CA ILE A 580 -13.33 11.06 -26.49
C ILE A 580 -14.66 11.77 -26.19
N GLN A 581 -14.71 13.08 -26.42
CA GLN A 581 -15.91 13.87 -26.13
C GLN A 581 -17.05 13.36 -27.01
N LYS A 582 -16.77 12.98 -28.25
CA LYS A 582 -17.81 12.41 -29.15
C LYS A 582 -18.35 11.11 -28.56
N LEU A 583 -17.47 10.21 -28.11
CA LEU A 583 -17.91 8.93 -27.47
C LEU A 583 -18.81 9.24 -26.27
N LEU A 584 -18.35 10.13 -25.39
CA LEU A 584 -19.03 10.43 -24.11
C LEU A 584 -20.34 11.19 -24.37
N ASN A 585 -20.36 12.10 -25.34
CA ASN A 585 -21.52 13.03 -25.49
C ASN A 585 -22.50 12.57 -26.57
N GLN A 586 -22.04 11.87 -27.60
CA GLN A 586 -22.89 11.50 -28.76
C GLN A 586 -23.16 10.01 -28.83
N ARG A 587 -22.40 9.17 -28.11
CA ARG A 587 -22.51 7.69 -28.26
C ARG A 587 -22.69 7.04 -26.87
N ASN A 588 -23.15 7.80 -25.87
CA ASN A 588 -23.46 7.32 -24.49
C ASN A 588 -22.29 6.47 -23.95
N GLY A 589 -21.07 6.85 -24.26
CA GLY A 589 -19.88 6.15 -23.79
C GLY A 589 -19.53 6.51 -22.37
N LYS A 590 -18.50 5.84 -21.84
CA LYS A 590 -17.99 6.14 -20.51
C LYS A 590 -16.47 6.07 -20.59
N ILE A 591 -15.80 6.55 -19.56
CA ILE A 591 -14.33 6.68 -19.59
C ILE A 591 -13.75 6.02 -18.34
N ILE A 592 -12.68 5.26 -18.55
CA ILE A 592 -11.73 4.81 -17.48
C ILE A 592 -10.44 5.63 -17.62
N MET A 593 -10.04 6.28 -16.55
CA MET A 593 -8.92 7.24 -16.59
C MET A 593 -7.64 6.51 -16.15
N SER A 594 -6.71 6.39 -17.10
CA SER A 594 -5.30 5.99 -16.84
C SER A 594 -4.34 6.98 -17.46
N PRO A 595 -4.48 8.30 -17.23
CA PRO A 595 -3.49 9.24 -17.79
C PRO A 595 -2.10 8.81 -17.31
N ALA A 596 -1.17 8.68 -18.23
CA ALA A 596 0.19 8.13 -17.94
C ALA A 596 0.82 8.87 -16.77
N GLY A 597 0.76 10.20 -16.75
CA GLY A 597 1.36 10.98 -15.66
C GLY A 597 0.76 10.83 -14.30
N ASN A 598 -0.40 10.20 -14.16
CA ASN A 598 -1.04 9.99 -12.84
C ASN A 598 -1.18 8.50 -12.47
N THR A 599 -0.89 7.57 -13.37
CA THR A 599 -1.29 6.14 -13.18
C THR A 599 -0.29 5.14 -13.76
N TYR A 600 0.69 5.55 -14.55
CA TYR A 600 1.63 4.59 -15.21
C TYR A 600 2.80 4.28 -14.30
N PHE A 601 2.82 3.07 -13.70
CA PHE A 601 3.86 2.71 -12.69
C PHE A 601 5.28 2.76 -13.29
N PRO A 602 5.56 2.42 -14.59
CA PRO A 602 6.93 2.49 -15.07
C PRO A 602 7.55 3.89 -15.04
N GLN A 603 6.70 4.91 -15.01
CA GLN A 603 7.19 6.29 -14.88
C GLN A 603 7.94 6.36 -13.55
N ARG A 604 9.18 6.79 -13.58
CA ARG A 604 10.04 6.63 -12.38
C ARG A 604 9.42 7.42 -11.24
N PRO A 605 9.43 6.81 -10.03
CA PRO A 605 8.76 7.39 -8.87
C PRO A 605 9.57 8.44 -8.14
N GLY A 606 10.84 8.62 -8.52
CA GLY A 606 11.69 9.66 -7.90
C GLY A 606 12.86 10.06 -8.79
N THR A 607 13.36 11.27 -8.59
CA THR A 607 14.44 11.82 -9.43
C THR A 607 15.73 11.04 -9.15
N GLU A 608 15.84 10.31 -8.02
CA GLU A 608 17.02 9.45 -7.70
C GLU A 608 16.96 8.10 -8.40
N THR A 609 15.81 7.71 -8.98
CA THR A 609 15.57 6.37 -9.54
C THR A 609 15.86 6.33 -11.03
N THR A 610 16.04 5.12 -11.51
CA THR A 610 16.18 4.82 -12.95
C THR A 610 14.84 4.29 -13.45
N GLY A 611 14.31 4.88 -14.50
CA GLY A 611 13.03 4.44 -15.06
C GLY A 611 12.60 5.32 -16.20
N VAL A 612 11.35 5.17 -16.60
CA VAL A 612 10.78 5.95 -17.72
C VAL A 612 10.52 7.38 -17.24
N THR A 613 10.86 8.36 -18.08
CA THR A 613 10.87 9.78 -17.68
C THR A 613 9.85 10.61 -18.45
N TRP A 614 9.26 10.12 -19.53
CA TRP A 614 8.55 11.02 -20.49
C TRP A 614 7.34 11.70 -19.87
N ALA A 615 6.58 11.11 -18.94
CA ALA A 615 5.25 11.64 -18.58
C ALA A 615 5.42 12.83 -17.61
N CYS A 616 6.35 12.74 -16.68
CA CYS A 616 6.51 13.74 -15.60
C CYS A 616 7.97 14.08 -15.28
N GLY A 617 8.94 13.41 -15.92
CA GLY A 617 10.30 13.38 -15.37
C GLY A 617 10.40 12.35 -14.25
N ALA A 618 9.73 12.59 -13.14
CA ALA A 618 9.39 11.58 -12.12
C ALA A 618 7.93 11.76 -11.71
N CYS A 619 7.10 10.72 -11.82
CA CYS A 619 5.69 10.80 -11.40
C CYS A 619 5.66 10.28 -9.96
N THR A 620 5.53 11.17 -8.98
CA THR A 620 5.65 10.78 -7.56
C THR A 620 4.27 10.45 -6.99
N THR A 621 4.23 10.19 -5.68
CA THR A 621 2.95 10.06 -4.95
C THR A 621 2.11 11.34 -5.15
N SER A 622 2.74 12.49 -5.36
CA SER A 622 1.99 13.75 -5.58
C SER A 622 1.27 13.65 -6.93
N ASN A 623 1.96 13.23 -7.98
CA ASN A 623 1.32 13.08 -9.31
C ASN A 623 0.21 12.03 -9.23
N PHE A 624 0.42 10.95 -8.46
CA PHE A 624 -0.59 9.87 -8.38
C PHE A 624 -1.80 10.31 -7.55
N TYR A 625 -1.64 11.29 -6.65
CA TYR A 625 -2.71 11.66 -5.71
C TYR A 625 -3.46 12.90 -6.22
N GLN A 626 -2.72 13.92 -6.65
CA GLN A 626 -3.23 15.32 -6.83
C GLN A 626 -3.77 15.48 -8.24
N TRP A 627 -4.89 14.82 -8.51
CA TRP A 627 -5.64 14.96 -9.75
C TRP A 627 -7.08 14.56 -9.44
N ASN A 628 -7.97 14.99 -10.33
CA ASN A 628 -9.41 14.73 -10.16
C ASN A 628 -9.81 14.07 -11.47
N PRO A 629 -10.04 12.73 -11.48
CA PRO A 629 -10.29 12.03 -12.75
C PRO A 629 -11.44 12.65 -13.57
N THR A 630 -12.48 13.16 -12.91
CA THR A 630 -13.66 13.71 -13.64
C THR A 630 -13.27 14.98 -14.39
N SER A 631 -12.58 15.90 -13.73
CA SER A 631 -12.18 17.17 -14.39
C SER A 631 -11.05 16.90 -15.39
N SER A 632 -10.11 15.99 -15.12
CA SER A 632 -9.11 15.54 -16.14
C SER A 632 -9.78 15.00 -17.41
N ALA A 633 -10.90 14.29 -17.28
CA ALA A 633 -11.66 13.68 -18.39
C ALA A 633 -12.44 14.80 -19.13
N GLY A 634 -12.55 15.95 -18.47
CA GLY A 634 -13.36 17.08 -18.95
C GLY A 634 -14.78 16.62 -19.22
N THR A 635 -15.39 15.86 -18.31
CA THR A 635 -16.77 15.35 -18.50
C THR A 635 -17.51 15.45 -17.18
N THR A 636 -18.71 14.86 -17.12
CA THR A 636 -19.51 14.84 -15.90
C THR A 636 -19.27 13.53 -15.13
N GLU A 637 -19.48 13.59 -13.82
CA GLU A 637 -19.22 12.49 -12.88
C GLU A 637 -19.84 11.19 -13.37
N ASP A 638 -21.07 11.22 -13.88
CA ASP A 638 -21.87 10.04 -14.31
C ASP A 638 -21.15 9.30 -15.45
N LYS A 639 -20.28 9.95 -16.21
CA LYS A 639 -19.68 9.32 -17.41
C LYS A 639 -18.32 8.70 -17.06
N VAL A 640 -17.84 8.90 -15.83
CA VAL A 640 -16.52 8.37 -15.39
C VAL A 640 -16.74 7.05 -14.60
N LEU A 641 -16.30 5.92 -15.17
CA LEU A 641 -16.32 4.61 -14.46
C LEU A 641 -15.33 4.67 -13.31
N GLY A 642 -14.14 5.23 -13.56
CA GLY A 642 -13.09 5.34 -12.54
C GLY A 642 -11.70 5.39 -13.14
N VAL A 643 -10.78 4.66 -12.52
CA VAL A 643 -9.31 4.79 -12.74
C VAL A 643 -8.68 3.40 -12.77
N GLU A 644 -7.56 3.28 -13.47
CA GLU A 644 -6.65 2.11 -13.37
C GLU A 644 -5.21 2.61 -13.36
N ASP A 645 -4.43 2.12 -12.39
CA ASP A 645 -2.95 2.08 -12.52
C ASP A 645 -2.55 1.11 -13.64
N ALA A 646 -1.36 1.32 -14.20
CA ALA A 646 -0.80 0.36 -15.18
C ALA A 646 0.59 -0.09 -14.77
N LEU A 647 0.71 -1.41 -14.69
CA LEU A 647 2.01 -2.08 -14.52
C LEU A 647 2.39 -2.72 -15.85
N TRP A 648 3.14 -1.98 -16.65
CA TRP A 648 3.70 -2.49 -17.93
C TRP A 648 5.06 -3.13 -17.63
N SER A 649 5.43 -4.19 -18.33
CA SER A 649 6.52 -5.05 -17.85
C SER A 649 7.69 -5.12 -18.83
N GLU A 650 7.87 -4.14 -19.71
CA GLU A 650 9.07 -4.14 -20.61
C GLU A 650 10.32 -4.37 -19.76
N HIS A 651 10.37 -3.74 -18.59
CA HIS A 651 11.61 -3.70 -17.77
C HIS A 651 11.49 -4.46 -16.46
N LEU A 652 10.38 -5.14 -16.22
CA LEU A 652 10.17 -5.85 -14.95
C LEU A 652 10.36 -7.35 -15.08
N ARG A 653 11.11 -7.92 -14.14
CA ARG A 653 11.48 -9.35 -14.23
C ARG A 653 11.13 -10.08 -12.92
N SER A 654 10.55 -9.41 -11.93
CA SER A 654 10.33 -10.03 -10.60
C SER A 654 9.19 -9.29 -9.94
N LEU A 655 8.56 -9.93 -8.96
CA LEU A 655 7.51 -9.28 -8.16
C LEU A 655 8.12 -8.17 -7.28
N ASN A 656 9.28 -8.44 -6.69
CA ASN A 656 10.04 -7.43 -5.94
C ASN A 656 10.16 -6.14 -6.78
N ASP A 657 10.59 -6.21 -8.03
CA ASP A 657 10.82 -5.00 -8.86
C ASP A 657 9.50 -4.35 -9.27
N ALA A 658 8.46 -5.16 -9.52
CA ALA A 658 7.10 -4.63 -9.78
C ALA A 658 6.62 -3.83 -8.58
N GLU A 659 6.78 -4.39 -7.40
CA GLU A 659 6.28 -3.77 -6.13
C GLU A 659 7.03 -2.47 -5.81
N PHE A 660 8.33 -2.39 -6.12
CA PHE A 660 9.10 -1.13 -6.07
C PHE A 660 8.31 0.00 -6.76
N LEU A 661 7.78 -0.27 -7.96
CA LEU A 661 7.06 0.75 -8.74
C LEU A 661 5.62 0.89 -8.26
N MET A 662 4.99 -0.21 -7.86
CA MET A 662 3.53 -0.21 -7.52
C MET A 662 3.32 0.60 -6.24
N TYR A 663 4.21 0.45 -5.29
CA TYR A 663 3.96 0.91 -3.90
C TYR A 663 4.99 1.97 -3.55
N THR A 664 4.55 3.07 -2.87
CA THR A 664 3.21 3.26 -2.31
C THR A 664 2.28 4.05 -3.23
N ARG A 665 2.66 4.32 -4.48
CA ARG A 665 1.80 5.11 -5.40
C ARG A 665 0.41 4.46 -5.57
N MET A 666 0.34 3.12 -5.58
CA MET A 666 -0.96 2.45 -5.79
C MET A 666 -1.92 2.89 -4.68
N MET A 667 -1.43 3.13 -3.47
CA MET A 667 -2.33 3.51 -2.35
C MET A 667 -2.86 4.95 -2.51
N ALA A 668 -2.17 5.79 -3.30
CA ALA A 668 -2.67 7.11 -3.74
C ALA A 668 -3.79 6.88 -4.77
N THR A 669 -3.58 6.05 -5.80
CA THR A 669 -4.69 5.76 -6.75
C THR A 669 -5.90 5.19 -6.01
N ALA A 670 -5.68 4.32 -5.05
CA ALA A 670 -6.79 3.71 -4.27
C ALA A 670 -7.64 4.84 -3.66
N GLU A 671 -6.99 5.85 -3.11
CA GLU A 671 -7.70 6.99 -2.48
C GLU A 671 -8.41 7.81 -3.57
N VAL A 672 -7.81 8.00 -4.74
CA VAL A 672 -8.41 8.73 -5.89
C VAL A 672 -9.65 7.96 -6.32
N GLY A 673 -9.55 6.63 -6.37
CA GLY A 673 -10.67 5.75 -6.73
C GLY A 673 -11.81 5.87 -5.76
N TRP A 674 -11.53 5.93 -4.46
CA TRP A 674 -12.56 5.68 -3.42
C TRP A 674 -13.03 6.99 -2.76
N THR A 675 -12.07 7.83 -2.37
CA THR A 675 -12.35 8.95 -1.43
C THR A 675 -13.06 10.09 -2.18
N GLN A 676 -13.98 10.76 -1.50
CA GLN A 676 -14.67 11.92 -2.11
C GLN A 676 -13.64 13.00 -2.47
N GLN A 677 -13.85 13.71 -3.57
CA GLN A 677 -12.93 14.77 -4.01
C GLN A 677 -12.74 15.77 -2.88
N ASN A 678 -13.83 16.14 -2.20
CA ASN A 678 -13.71 17.15 -1.13
C ASN A 678 -13.24 16.53 0.19
N ARG A 679 -12.83 15.26 0.20
CA ARG A 679 -12.29 14.66 1.45
C ARG A 679 -10.82 14.31 1.23
N LYS A 680 -10.31 14.61 0.05
CA LYS A 680 -8.89 14.32 -0.29
C LYS A 680 -8.01 15.40 0.31
N ASP A 681 -6.87 15.00 0.82
CA ASP A 681 -5.84 15.92 1.34
C ASP A 681 -4.49 15.20 1.22
N TYR A 682 -3.63 15.61 0.30
CA TYR A 682 -2.36 14.91 0.02
C TYR A 682 -1.50 14.84 1.27
N ASP A 683 -1.35 15.94 2.02
CA ASP A 683 -0.57 15.92 3.29
C ASP A 683 -1.12 14.88 4.28
N ASN A 684 -2.45 14.73 4.38
CA ASN A 684 -3.11 13.76 5.30
C ASN A 684 -2.80 12.32 4.83
N TRP A 685 -2.87 12.12 3.52
CA TRP A 685 -2.55 10.80 2.91
C TRP A 685 -1.08 10.50 3.20
N ASN A 686 -0.22 11.47 2.98
CA ASN A 686 1.25 11.34 3.14
C ASN A 686 1.56 10.87 4.56
N LYS A 687 0.92 11.47 5.55
CA LYS A 687 1.07 11.07 6.98
C LYS A 687 0.68 9.60 7.21
N ARG A 688 -0.26 9.05 6.45
CA ARG A 688 -0.75 7.65 6.56
C ARG A 688 0.23 6.66 5.91
N VAL A 689 1.21 7.10 5.16
CA VAL A 689 2.06 6.16 4.41
C VAL A 689 2.96 5.32 5.36
N GLY A 690 3.44 5.89 6.47
CA GLY A 690 4.33 5.16 7.39
C GLY A 690 3.73 3.84 7.83
N ASP A 691 2.48 3.84 8.21
CA ASP A 691 1.87 2.58 8.67
C ASP A 691 1.55 1.71 7.46
N ILE A 692 1.19 2.28 6.31
CA ILE A 692 1.04 1.50 5.05
C ILE A 692 2.32 0.68 4.84
N ALA A 693 3.47 1.30 5.07
CA ALA A 693 4.77 0.65 4.86
C ALA A 693 5.03 -0.43 5.90
N ILE A 694 4.70 -0.21 7.19
CA ILE A 694 4.87 -1.24 8.24
C ILE A 694 4.08 -2.48 7.81
N ASP A 695 2.89 -2.28 7.27
CA ASP A 695 2.05 -3.42 6.86
C ASP A 695 2.71 -4.07 5.65
N LEU A 696 3.22 -3.31 4.70
CA LEU A 696 3.89 -3.96 3.54
C LEU A 696 5.14 -4.75 3.98
N MET A 697 5.90 -4.25 4.94
CA MET A 697 7.09 -4.99 5.50
C MET A 697 6.61 -6.33 6.09
N ASN A 698 5.49 -6.33 6.79
CA ASN A 698 4.93 -7.57 7.38
C ASN A 698 4.52 -8.53 6.26
N ARG A 699 4.00 -8.02 5.16
CA ARG A 699 3.56 -8.86 4.02
C ARG A 699 4.76 -9.39 3.24
N GLY A 700 5.93 -8.80 3.42
CA GLY A 700 7.12 -9.06 2.58
C GLY A 700 6.96 -8.44 1.19
N ALA A 701 6.20 -7.35 1.08
CA ALA A 701 6.02 -6.61 -0.18
C ALA A 701 7.08 -5.50 -0.24
N ASN A 702 7.68 -5.34 -1.40
CA ASN A 702 8.66 -4.26 -1.62
C ASN A 702 7.93 -2.94 -1.83
N PHE A 703 8.67 -1.83 -1.74
CA PHE A 703 8.10 -0.49 -2.05
C PHE A 703 9.25 0.49 -2.17
N HIS A 704 9.02 1.51 -3.00
CA HIS A 704 9.97 2.63 -3.22
C HIS A 704 9.96 3.52 -1.98
N LYS A 705 11.12 3.80 -1.38
CA LYS A 705 11.15 4.65 -0.17
C LYS A 705 11.22 6.12 -0.64
N ALA A 706 10.09 6.65 -1.11
CA ALA A 706 10.05 7.96 -1.77
C ALA A 706 10.50 9.07 -0.81
N THR A 707 11.27 10.02 -1.34
CA THR A 707 11.80 11.14 -0.50
C THR A 707 10.67 12.10 -0.09
N GLU A 708 9.61 12.22 -0.89
CA GLU A 708 8.51 13.19 -0.60
C GLU A 708 7.59 12.66 0.51
N VAL A 709 7.69 11.38 0.86
CA VAL A 709 6.87 10.84 1.97
C VAL A 709 7.58 11.25 3.26
N THR A 710 6.85 11.80 4.22
CA THR A 710 7.54 12.32 5.42
C THR A 710 7.10 11.58 6.66
N SER A 711 6.41 10.44 6.52
CA SER A 711 5.89 9.70 7.69
C SER A 711 6.59 8.36 7.84
N TRP A 712 7.69 8.10 7.12
CA TRP A 712 8.45 6.84 7.37
C TRP A 712 8.73 6.72 8.85
N LYS A 713 8.42 5.58 9.43
CA LYS A 713 8.44 5.45 10.89
C LYS A 713 8.84 4.03 11.26
N GLY A 714 9.22 3.91 12.49
CA GLY A 714 9.51 2.63 13.13
C GLY A 714 8.30 2.20 13.90
N SER A 715 8.28 0.91 14.20
CA SER A 715 7.19 0.30 14.99
C SER A 715 7.74 -0.95 15.65
N TYR A 716 7.60 -1.02 16.98
CA TYR A 716 8.00 -2.20 17.77
C TYR A 716 6.77 -3.04 18.05
N ALA A 717 6.85 -4.35 17.87
CA ALA A 717 5.78 -5.28 18.34
C ALA A 717 6.37 -6.44 19.13
N ALA A 718 5.80 -6.71 20.30
CA ALA A 718 6.24 -7.84 21.15
C ALA A 718 5.76 -9.13 20.49
N VAL A 719 6.57 -10.16 20.54
CA VAL A 719 6.31 -11.49 19.93
C VAL A 719 5.92 -12.43 21.07
N ASP A 720 4.98 -13.30 20.84
CA ASP A 720 4.55 -14.31 21.84
C ASP A 720 5.65 -15.36 21.94
N ALA A 721 6.56 -15.20 22.91
CA ALA A 721 7.75 -16.05 23.11
C ALA A 721 7.35 -17.49 23.41
N ALA A 722 6.14 -17.72 23.93
CA ALA A 722 5.61 -19.07 24.20
C ALA A 722 5.52 -19.88 22.91
N GLU A 723 5.39 -19.22 21.75
CA GLU A 723 5.28 -19.94 20.46
C GLU A 723 6.63 -19.94 19.73
N GLN A 724 7.72 -19.56 20.39
CA GLN A 724 9.02 -19.38 19.70
C GLN A 724 9.98 -20.45 20.21
N LYS A 725 10.79 -20.98 19.30
CA LYS A 725 11.82 -21.98 19.67
C LYS A 725 12.93 -21.27 20.46
N VAL A 726 13.34 -21.86 21.56
CA VAL A 726 14.57 -21.43 22.29
C VAL A 726 15.71 -22.30 21.74
N THR A 727 16.81 -21.67 21.29
CA THR A 727 18.04 -22.39 20.87
C THR A 727 19.23 -21.85 21.67
N ASP A 728 19.86 -22.70 22.49
CA ASP A 728 21.00 -22.32 23.36
C ASP A 728 20.62 -21.01 24.07
N GLY A 729 19.44 -20.96 24.70
CA GLY A 729 19.00 -19.85 25.57
C GLY A 729 18.43 -18.67 24.79
N LYS A 730 18.55 -18.68 23.45
CA LYS A 730 18.24 -17.49 22.60
C LYS A 730 16.80 -17.61 22.08
N VAL A 731 15.95 -16.59 22.28
CA VAL A 731 14.52 -16.65 21.87
C VAL A 731 14.04 -15.29 21.33
N LEU A 732 13.15 -15.36 20.36
CA LEU A 732 12.58 -14.15 19.71
C LEU A 732 11.51 -13.58 20.65
N VAL A 733 11.67 -12.32 21.07
CA VAL A 733 10.70 -11.66 21.98
C VAL A 733 10.08 -10.41 21.33
N GLY A 734 10.65 -9.90 20.25
CA GLY A 734 10.19 -8.64 19.65
C GLY A 734 10.60 -8.53 18.19
N ARG A 735 9.89 -7.68 17.50
CA ARG A 735 10.20 -7.28 16.12
C ARG A 735 10.15 -5.76 16.00
N TYR A 736 11.04 -5.21 15.20
CA TYR A 736 11.15 -3.75 15.00
C TYR A 736 11.16 -3.51 13.51
N ALA A 737 10.11 -2.86 13.01
CA ALA A 737 9.96 -2.60 11.57
C ALA A 737 10.22 -1.11 11.34
N GLU A 738 11.17 -0.78 10.47
CA GLU A 738 11.45 0.60 10.06
C GLU A 738 11.99 0.61 8.66
N PRO A 739 11.28 1.21 7.69
CA PRO A 739 11.82 1.24 6.34
C PRO A 739 13.16 1.98 6.30
N GLY A 740 14.09 1.43 5.50
CA GLY A 740 15.31 2.13 5.07
C GLY A 740 16.54 1.77 5.88
N LEU A 741 16.44 0.90 6.88
CA LEU A 741 17.62 0.57 7.73
C LEU A 741 18.72 -0.07 6.89
N THR A 742 19.95 0.39 7.06
CA THR A 742 21.14 -0.17 6.37
C THR A 742 21.89 -1.06 7.35
N GLY A 743 21.43 -1.11 8.58
CA GLY A 743 21.98 -1.98 9.63
C GLY A 743 21.28 -1.66 10.92
N THR A 744 21.67 -2.30 12.03
CA THR A 744 21.01 -2.15 13.35
C THR A 744 21.82 -1.30 14.33
N ASP A 745 22.98 -0.75 13.95
CA ASP A 745 23.90 -0.07 14.92
C ASP A 745 23.33 1.29 15.38
N GLY A 746 22.40 1.89 14.64
CA GLY A 746 21.73 3.12 15.09
C GLY A 746 20.75 2.85 16.22
N LEU A 747 20.46 1.57 16.51
CA LEU A 747 19.38 1.19 17.44
C LEU A 747 19.99 0.60 18.69
N SER A 748 19.63 1.11 19.84
CA SER A 748 20.08 0.51 21.11
C SER A 748 18.93 -0.25 21.76
N PHE A 749 19.09 -1.56 21.89
CA PHE A 749 18.13 -2.46 22.57
C PHE A 749 18.64 -2.84 23.96
N THR A 750 17.76 -2.83 24.93
CA THR A 750 18.03 -3.31 26.31
C THR A 750 16.80 -4.08 26.74
N ALA A 751 16.99 -5.17 27.46
CA ALA A 751 15.90 -6.03 27.92
C ALA A 751 16.21 -6.46 29.35
N THR A 752 15.17 -6.66 30.15
CA THR A 752 15.31 -7.14 31.55
C THR A 752 14.16 -8.10 31.80
N TYR A 753 14.40 -9.13 32.64
CA TYR A 753 13.38 -10.09 33.10
C TYR A 753 13.24 -9.96 34.63
N THR A 754 11.98 -9.99 35.10
CA THR A 754 11.61 -10.01 36.55
C THR A 754 10.58 -11.13 36.75
N ALA A 755 10.99 -12.26 37.36
CA ALA A 755 10.04 -13.22 37.99
C ALA A 755 9.41 -12.50 39.18
N GLU A 756 8.14 -12.80 39.54
CA GLU A 756 7.43 -12.14 40.69
C GLU A 756 8.25 -12.39 41.97
N GLY A 757 8.65 -11.32 42.65
CA GLY A 757 9.69 -11.34 43.71
C GLY A 757 10.95 -10.61 43.27
N GLY A 758 11.49 -10.97 42.10
CA GLY A 758 12.83 -10.56 41.62
C GLY A 758 12.99 -9.05 41.52
N ALA A 760 14.77 -7.48 38.78
CA ALA A 760 15.03 -7.37 37.33
C ALA A 760 16.48 -7.79 37.01
N VAL A 761 16.66 -8.76 36.09
CA VAL A 761 18.01 -9.16 35.58
C VAL A 761 18.13 -8.74 34.11
N ASN A 762 19.33 -8.32 33.71
CA ASN A 762 19.64 -7.98 32.29
C ASN A 762 19.53 -9.22 31.40
N LEU A 763 18.86 -9.11 30.24
CA LEU A 763 19.00 -10.09 29.15
C LEU A 763 19.81 -9.48 28.01
N PRO A 764 20.96 -10.07 27.62
CA PRO A 764 21.68 -9.61 26.43
C PRO A 764 20.76 -9.72 25.20
N VAL A 765 20.73 -8.67 24.39
CA VAL A 765 19.83 -8.61 23.22
C VAL A 765 20.67 -8.84 21.98
N THR A 766 20.17 -9.66 21.07
CA THR A 766 20.78 -9.83 19.72
C THR A 766 19.77 -9.34 18.70
N PRO A 767 19.93 -8.14 18.11
CA PRO A 767 19.05 -7.71 17.04
C PRO A 767 19.55 -8.40 15.77
N ASP A 768 18.65 -8.83 14.90
CA ASP A 768 19.04 -9.61 13.69
C ASP A 768 18.16 -9.18 12.51
N MET A 769 18.78 -8.64 11.46
CA MET A 769 18.03 -8.11 10.31
C MET A 769 18.55 -8.82 9.06
N LYS A 770 17.74 -9.70 8.48
CA LYS A 770 18.29 -10.63 7.47
C LYS A 770 18.83 -9.85 6.27
N GLN A 771 18.11 -8.81 5.87
CA GLN A 771 18.45 -8.05 4.62
C GLN A 771 18.43 -6.56 4.94
N THR A 772 19.31 -5.82 4.32
CA THR A 772 19.40 -4.34 4.46
C THR A 772 18.68 -3.67 3.30
N TYR A 773 18.36 -2.41 3.50
CA TYR A 773 17.74 -1.56 2.45
C TYR A 773 18.77 -1.19 1.38
N SER A 774 18.34 -1.31 0.14
CA SER A 774 19.15 -0.89 -1.02
C SER A 774 18.25 -0.14 -2.01
N GLN A 775 18.74 0.95 -2.55
CA GLN A 775 18.13 1.58 -3.74
C GLN A 775 18.45 0.75 -4.99
N GLN A 776 17.96 1.17 -6.15
CA GLN A 776 18.24 0.44 -7.40
C GLN A 776 19.76 0.33 -7.59
N GLN A 777 20.17 -0.77 -8.22
CA GLN A 777 21.59 -1.04 -8.52
C GLN A 777 21.72 -1.19 -10.02
N LEU A 778 22.81 -0.65 -10.56
CA LEU A 778 23.12 -0.75 -12.00
C LEU A 778 24.35 -1.62 -12.17
N LYS A 779 24.42 -2.36 -13.26
CA LYS A 779 25.66 -3.06 -13.64
C LYS A 779 25.78 -2.91 -15.16
N ASN A 780 26.91 -2.36 -15.64
CA ASN A 780 27.12 -2.17 -17.08
C ASN A 780 25.99 -1.30 -17.65
N GLY A 781 25.52 -0.33 -16.88
CA GLY A 781 24.48 0.63 -17.29
C GLY A 781 23.05 0.06 -17.22
N ARG A 782 22.88 -1.19 -16.77
CA ARG A 782 21.57 -1.88 -16.84
C ARG A 782 21.10 -2.14 -15.41
N LEU A 783 19.81 -1.95 -15.15
CA LEU A 783 19.25 -2.25 -13.81
C LEU A 783 19.50 -3.73 -13.50
N VAL A 784 19.87 -3.95 -12.26
CA VAL A 784 20.05 -5.31 -11.69
C VAL A 784 18.66 -5.70 -11.21
N VAL A 785 18.24 -6.90 -11.57
CA VAL A 785 16.96 -7.45 -11.05
C VAL A 785 17.08 -7.59 -9.52
N ASN A 786 16.09 -7.06 -8.80
CA ASN A 786 15.98 -7.07 -7.34
C ASN A 786 17.06 -6.23 -6.66
N GLY A 787 17.70 -5.31 -7.37
CA GLY A 787 18.70 -4.39 -6.80
C GLY A 787 18.08 -3.54 -5.71
N ALA A 788 16.89 -3.00 -5.96
CA ALA A 788 16.15 -2.20 -4.96
C ALA A 788 15.31 -3.14 -4.12
N HIS A 789 15.61 -3.21 -2.83
CA HIS A 789 14.86 -4.11 -1.93
C HIS A 789 14.84 -3.46 -0.55
N MET A 790 13.76 -3.74 0.16
CA MET A 790 13.56 -3.21 1.53
C MET A 790 14.37 -4.04 2.51
N ASN A 791 14.80 -3.40 3.59
CA ASN A 791 15.34 -4.12 4.75
C ASN A 791 14.22 -4.98 5.36
N SER A 792 14.68 -6.01 6.05
CA SER A 792 13.86 -6.92 6.87
C SER A 792 13.35 -6.18 8.10
N ILE A 793 12.24 -6.67 8.62
CA ILE A 793 11.85 -6.41 10.03
C ILE A 793 13.00 -6.96 10.88
N VAL A 794 13.38 -6.23 11.92
CA VAL A 794 14.47 -6.65 12.82
C VAL A 794 13.86 -7.66 13.80
N ASP A 795 14.42 -8.86 13.88
CA ASP A 795 14.15 -9.80 15.01
C ASP A 795 14.95 -9.39 16.24
N VAL A 796 14.26 -9.28 17.38
CA VAL A 796 14.88 -8.90 18.66
C VAL A 796 14.93 -10.17 19.51
N TYR A 797 16.13 -10.76 19.59
CA TYR A 797 16.37 -11.96 20.42
C TYR A 797 16.88 -11.52 21.78
N VAL A 798 16.52 -12.27 22.81
CA VAL A 798 17.22 -12.19 24.13
C VAL A 798 17.84 -13.56 24.41
N THR A 799 18.92 -13.56 25.19
CA THR A 799 19.55 -14.82 25.67
C THR A 799 19.19 -14.96 27.15
N LEU A 800 18.45 -16.01 27.47
CA LEU A 800 17.96 -16.23 28.85
C LEU A 800 19.09 -16.79 29.72
N PRO A 801 19.20 -16.39 30.99
CA PRO A 801 20.10 -17.08 31.91
C PRO A 801 19.51 -18.47 32.25
N SER A 802 20.38 -19.39 32.68
CA SER A 802 20.05 -20.83 32.93
C SER A 802 18.84 -20.96 33.85
N ASP A 803 18.75 -20.17 34.92
CA ASP A 803 17.61 -20.25 35.87
C ASP A 803 16.30 -19.88 35.14
N VAL A 804 16.34 -18.89 34.25
CA VAL A 804 15.12 -18.42 33.52
C VAL A 804 14.81 -19.45 32.43
N LEU A 805 15.87 -19.95 31.78
CA LEU A 805 15.81 -20.93 30.68
C LEU A 805 15.08 -22.18 31.17
N ALA A 806 15.35 -22.59 32.42
CA ALA A 806 14.94 -23.89 33.00
C ALA A 806 13.67 -23.76 33.87
N ALA A 807 13.13 -22.55 34.05
CA ALA A 807 11.93 -22.28 34.89
C ALA A 807 10.66 -22.74 34.15
N ASP A 808 9.57 -23.02 34.89
CA ASP A 808 8.24 -23.43 34.34
C ASP A 808 7.45 -22.16 33.97
N SER A 809 6.15 -22.29 33.68
CA SER A 809 5.24 -21.15 33.35
C SER A 809 4.19 -20.97 34.45
N VAL A 812 4.64 -16.25 34.92
CA VAL A 812 5.49 -16.24 36.15
C VAL A 812 6.37 -14.98 36.21
N GLY A 813 6.46 -14.16 35.14
CA GLY A 813 7.42 -13.03 35.12
C GLY A 813 7.06 -11.91 34.14
N ARG A 814 7.80 -10.80 34.21
CA ARG A 814 7.60 -9.61 33.34
C ARG A 814 8.88 -9.33 32.53
N LEU A 815 8.71 -9.33 31.22
CA LEU A 815 9.79 -8.96 30.29
C LEU A 815 9.64 -7.46 29.93
N ASP A 816 10.73 -6.72 30.06
CA ASP A 816 10.81 -5.30 29.60
C ASP A 816 11.80 -5.23 28.43
N VAL A 817 11.40 -4.59 27.34
CA VAL A 817 12.32 -4.31 26.20
C VAL A 817 12.21 -2.83 25.87
N SER A 818 13.35 -2.19 25.69
CA SER A 818 13.48 -0.77 25.26
C SER A 818 14.29 -0.67 23.98
N VAL A 819 13.82 0.15 23.06
CA VAL A 819 14.49 0.41 21.77
C VAL A 819 14.69 1.91 21.67
N SER A 820 15.91 2.36 21.47
CA SER A 820 16.19 3.80 21.23
C SER A 820 17.08 4.03 20.02
N SER A 821 16.70 5.05 19.25
CA SER A 821 17.55 5.63 18.20
C SER A 821 17.35 7.13 18.26
N SER A 822 18.06 7.85 17.41
CA SER A 822 17.91 9.31 17.37
C SER A 822 16.47 9.70 16.97
N THR A 823 15.67 8.78 16.38
CA THR A 823 14.32 9.12 15.82
C THR A 823 13.21 8.21 16.36
N TYR A 824 13.55 7.34 17.29
CA TYR A 824 12.57 6.37 17.83
C TYR A 824 12.90 6.07 19.28
N HIS A 825 11.88 5.91 20.11
CA HIS A 825 12.04 5.43 21.49
C HIS A 825 10.77 4.70 21.88
N HIS A 826 10.92 3.48 22.38
CA HIS A 826 9.75 2.76 22.89
C HIS A 826 10.23 1.85 24.02
N HIS A 827 9.49 1.85 25.13
CA HIS A 827 9.65 0.86 26.21
C HIS A 827 8.42 -0.06 26.20
N HIS A 828 8.61 -1.36 26.05
CA HIS A 828 7.48 -2.32 26.06
C HIS A 828 7.62 -3.22 27.29
N HIS A 829 6.50 -3.58 27.90
CA HIS A 829 6.43 -4.55 29.02
C HIS A 829 5.28 -5.53 28.78
N HIS A 830 5.53 -6.82 28.98
CA HIS A 830 4.48 -7.86 29.16
C HIS A 830 5.07 -9.04 29.95
C1 NGS B . 2.31 2.54 -24.12
C2 NGS B . 1.63 1.29 -24.70
C3 NGS B . 2.11 0.06 -23.94
C4 NGS B . 3.43 0.30 -23.24
C5 NGS B . 3.31 1.42 -22.21
C6 NGS B . 4.62 1.75 -21.56
O1 NGS B . 3.49 2.57 -24.86
O3 NGS B . 2.24 -0.98 -24.89
O5 NGS B . 2.83 2.65 -22.80
O6 NGS B . 4.34 2.61 -20.46
N2 NGS B . 0.19 1.32 -24.76
C7 NGS B . -0.51 1.79 -23.71
O7 NGS B . 0.05 2.24 -22.72
C8 NGS B . -2.01 1.79 -23.87
S NGS B . 5.52 3.49 -19.93
O7A NGS B . 6.64 2.60 -19.82
O8 NGS B . 5.07 4.06 -18.71
O9 NGS B . 5.72 4.48 -20.94
O4 NGS B . 3.81 -0.91 -22.57
O1 NGY C . 26.66 14.82 42.15
C1 NGY C . 26.13 16.00 42.64
C2 NGY C . 24.63 16.05 42.31
C3 NGY C . 24.44 16.10 40.79
C4 NGY C . 25.28 17.21 40.20
C5 NGY C . 26.74 17.01 40.58
C6 NGY C . 27.64 18.11 40.11
O3 NGY C . 23.09 16.26 40.41
O4 NGY C . 25.11 17.17 38.78
O5 NGY C . 26.86 17.03 42.02
O6 NGY C . 27.14 19.38 40.61
N2 NGY C . 23.92 14.92 42.85
C7 NGY C . 23.33 14.91 44.05
O7 NGY C . 23.42 15.85 44.82
C8 NGY C . 22.59 13.67 44.42
S NGY C . 27.88 20.66 40.10
O7A NGY C . 29.27 20.59 40.59
O8 NGY C . 27.84 20.68 38.65
O9 NGY C . 27.12 21.70 40.76
CA CA D . 11.91 23.55 37.60
#